data_3P4N
#
_entry.id   3P4N
#
_cell.length_a   66.190
_cell.length_b   90.600
_cell.length_c   89.160
_cell.angle_alpha   90.000
_cell.angle_beta   111.110
_cell.angle_gamma   90.000
#
_symmetry.space_group_name_H-M   'P 1 21 1'
#
loop_
_entity.id
_entity.type
_entity.pdbx_description
1 polymer 'H-2 class I histocompatibility antigen, K-B alpha chain'
2 polymer Beta-2-microglobulin
3 polymer 'NP205-PV epitope, YTVKFPNM'
4 non-polymer 'ACETYL GROUP'
5 water water
#
loop_
_entity_poly.entity_id
_entity_poly.type
_entity_poly.pdbx_seq_one_letter_code
_entity_poly.pdbx_strand_id
1 'polypeptide(L)'
;MGPHSLRYFVTAVSRPGLGEPRYMEVGYVDDTEFVRFDSDAENPRYEPRARWMEQEGPEYWERETQKAKGNEQSFRVDLR
TLLGYYNQSKGGSHTIQVISGCEVGSDGRLLRGYQQYAYDGCDYIALNEDLKTWTAADMAALITKHKWEQAGEAERLRAY
LEGTCVEWLRRYLKNGNATLLRTDSPKAHVTHHSRPEDKVTLRCWALGFYPADITLTWQLNGEELIQDMELVETRPAGDG
TFQKWASVVVPLGKEQYYTCHVYHQGLPEPLTLRWEPP
;
A,D
2 'polypeptide(L)'
;IQKTPQIQVYSRHPPENGKPNILNCYVTQFHPPHIEIQMLKNGKKIPKVEMSDMSFSKDWSFYILAHTEFTPTETDTYAC
RVKHDSMAEPKTVYWDRDM
;
B,E
3 'polypeptide(L)' YTVKFPNM C,F
#
loop_
_chem_comp.id
_chem_comp.type
_chem_comp.name
_chem_comp.formula
ACE non-polymer 'ACETYL GROUP' 'C2 H4 O'
#
# COMPACT_ATOMS: atom_id res chain seq x y z
N MET A 1 3.32 -3.44 -7.65
CA MET A 1 2.90 -2.24 -8.37
C MET A 1 2.63 -1.10 -7.39
N GLY A 2 1.66 -1.29 -6.52
CA GLY A 2 1.30 -0.26 -5.56
C GLY A 2 0.49 0.79 -6.27
N PRO A 3 0.07 1.83 -5.53
CA PRO A 3 -0.68 2.95 -6.10
C PRO A 3 0.23 3.94 -6.83
N HIS A 4 -0.36 4.88 -7.57
CA HIS A 4 0.39 5.88 -8.30
C HIS A 4 -0.29 7.25 -8.26
N SER A 5 0.46 8.29 -8.61
CA SER A 5 -0.05 9.65 -8.45
C SER A 5 0.48 10.61 -9.51
N LEU A 6 -0.38 11.55 -9.90
CA LEU A 6 0.01 12.67 -10.75
C LEU A 6 -0.34 13.94 -9.97
N ARG A 7 0.67 14.69 -9.54
CA ARG A 7 0.43 15.87 -8.70
C ARG A 7 1.11 17.10 -9.26
N TYR A 8 0.38 18.23 -9.25
CA TYR A 8 0.98 19.52 -9.58
C TYR A 8 1.09 20.42 -8.37
N PHE A 9 2.31 20.88 -8.11
CA PHE A 9 2.60 21.86 -7.08
C PHE A 9 2.80 23.24 -7.75
N VAL A 10 2.00 24.20 -7.32
CA VAL A 10 1.95 25.48 -7.99
C VAL A 10 2.13 26.62 -6.99
N THR A 11 2.97 27.58 -7.36
CA THR A 11 3.22 28.74 -6.51
C THR A 11 3.14 30.06 -7.26
N ALA A 12 2.51 31.04 -6.65
CA ALA A 12 2.55 32.37 -7.19
C ALA A 12 2.94 33.30 -6.05
N VAL A 13 4.02 34.06 -6.25
CA VAL A 13 4.48 35.00 -5.23
C VAL A 13 4.47 36.43 -5.73
N SER A 14 3.68 37.28 -5.09
CA SER A 14 3.73 38.69 -5.45
C SER A 14 5.08 39.30 -5.04
N ARG A 15 5.56 40.24 -5.85
CA ARG A 15 6.71 41.03 -5.47
C ARG A 15 6.48 42.45 -5.96
N PRO A 16 5.57 43.18 -5.28
CA PRO A 16 5.22 44.53 -5.74
C PRO A 16 6.42 45.44 -5.78
N GLY A 17 6.51 46.25 -6.84
CA GLY A 17 7.62 47.15 -7.02
C GLY A 17 8.81 46.45 -7.65
N LEU A 18 8.79 45.12 -7.71
CA LEU A 18 9.93 44.41 -8.26
C LEU A 18 9.62 43.67 -9.55
N GLY A 19 8.40 43.86 -10.02
CA GLY A 19 7.97 43.25 -11.27
C GLY A 19 6.75 42.38 -11.10
N GLU A 20 6.52 41.51 -12.08
CA GLU A 20 5.39 40.58 -12.05
C GLU A 20 5.60 39.47 -11.02
N PRO A 21 4.50 38.83 -10.58
CA PRO A 21 4.66 37.75 -9.62
C PRO A 21 5.40 36.56 -10.23
N ARG A 22 6.22 35.89 -9.42
CA ARG A 22 6.90 34.69 -9.85
C ARG A 22 5.90 33.56 -9.82
N TYR A 23 5.88 32.78 -10.89
CA TYR A 23 4.92 31.71 -11.01
C TYR A 23 5.63 30.43 -11.34
N MET A 24 5.28 29.37 -10.61
CA MET A 24 5.93 28.08 -10.78
C MET A 24 5.00 26.87 -10.66
N GLU A 25 5.08 26.00 -11.66
CA GLU A 25 4.35 24.73 -11.60
C GLU A 25 5.30 23.58 -11.73
N VAL A 26 5.15 22.62 -10.83
CA VAL A 26 5.96 21.43 -10.89
C VAL A 26 5.03 20.23 -10.98
N GLY A 27 5.28 19.37 -11.96
CA GLY A 27 4.53 18.14 -12.08
C GLY A 27 5.28 16.96 -11.49
N TYR A 28 4.58 16.17 -10.70
CA TYR A 28 5.14 14.97 -10.09
C TYR A 28 4.35 13.75 -10.48
N VAL A 29 5.06 12.69 -10.85
CA VAL A 29 4.50 11.36 -11.00
C VAL A 29 5.19 10.49 -9.95
N ASP A 30 4.39 9.90 -9.06
CA ASP A 30 4.92 9.10 -7.96
C ASP A 30 5.95 9.88 -7.15
N ASP A 31 5.66 11.14 -6.89
CA ASP A 31 6.55 11.98 -6.08
C ASP A 31 7.92 12.24 -6.72
N THR A 32 7.96 12.17 -8.04
CA THR A 32 9.19 12.41 -8.79
C THR A 32 8.93 13.44 -9.90
N GLU A 33 9.60 14.58 -9.79
CA GLU A 33 9.43 15.68 -10.72
C GLU A 33 9.59 15.23 -12.19
N PHE A 34 8.62 15.59 -13.03
CA PHE A 34 8.67 15.24 -14.46
C PHE A 34 8.35 16.40 -15.43
N VAL A 35 7.63 17.42 -14.98
CA VAL A 35 7.49 18.64 -15.76
C VAL A 35 7.57 19.90 -14.86
N ARG A 36 8.08 20.99 -15.44
CA ARG A 36 8.21 22.23 -14.67
C ARG A 36 7.97 23.45 -15.57
N PHE A 37 7.25 24.42 -15.05
CA PHE A 37 7.03 25.68 -15.76
C PHE A 37 7.46 26.80 -14.84
N ASP A 38 8.42 27.60 -15.30
CA ASP A 38 8.97 28.72 -14.53
C ASP A 38 8.70 30.03 -15.25
N SER A 39 7.96 30.93 -14.63
CA SER A 39 7.59 32.19 -15.26
C SER A 39 8.77 33.14 -15.47
N ASP A 40 9.89 32.84 -14.83
CA ASP A 40 11.04 33.75 -14.84
C ASP A 40 11.90 33.64 -16.10
N ALA A 41 11.26 33.83 -17.26
CA ALA A 41 11.94 33.69 -18.54
C ALA A 41 11.30 34.60 -19.58
N GLU A 42 12.05 34.87 -20.65
CA GLU A 42 11.56 35.73 -21.72
C GLU A 42 10.48 35.00 -22.51
N ASN A 43 10.71 33.71 -22.75
CA ASN A 43 9.74 32.87 -23.43
C ASN A 43 9.45 31.62 -22.60
N PRO A 44 8.85 31.79 -21.42
CA PRO A 44 8.65 30.68 -20.48
C PRO A 44 7.78 29.57 -21.08
N ARG A 45 8.31 28.35 -21.08
CA ARG A 45 7.57 27.24 -21.64
C ARG A 45 7.54 26.07 -20.66
N TYR A 46 6.54 25.22 -20.78
CA TYR A 46 6.56 23.97 -20.05
C TYR A 46 7.69 23.10 -20.61
N GLU A 47 8.50 22.53 -19.72
CA GLU A 47 9.64 21.71 -20.14
C GLU A 47 9.79 20.34 -19.42
N PRO A 48 10.47 19.37 -20.06
CA PRO A 48 10.58 18.05 -19.43
C PRO A 48 11.68 17.96 -18.34
N ARG A 49 11.36 17.26 -17.26
CA ARG A 49 12.26 17.16 -16.13
C ARG A 49 12.70 15.71 -15.93
N ALA A 50 12.21 14.83 -16.80
CA ALA A 50 12.59 13.44 -16.80
C ALA A 50 12.75 12.99 -18.25
N ARG A 51 13.79 12.20 -18.53
CA ARG A 51 14.15 11.83 -19.90
C ARG A 51 12.98 11.26 -20.69
N TRP A 52 12.20 10.42 -20.03
CA TRP A 52 11.06 9.75 -20.67
C TRP A 52 9.94 10.69 -21.18
N MET A 53 9.97 11.95 -20.75
CA MET A 53 8.96 12.89 -21.18
C MET A 53 9.29 13.51 -22.53
N GLU A 54 10.57 13.57 -22.88
CA GLU A 54 10.97 14.03 -24.19
C GLU A 54 10.24 13.24 -25.31
N GLN A 55 9.63 12.13 -24.92
CA GLN A 55 8.76 11.36 -25.81
C GLN A 55 7.54 12.15 -26.35
N GLU A 56 7.15 13.21 -25.64
CA GLU A 56 5.95 13.96 -26.01
C GLU A 56 6.20 14.96 -27.13
N GLY A 57 5.25 15.04 -28.07
CA GLY A 57 5.41 15.89 -29.23
C GLY A 57 5.21 17.35 -28.88
N PRO A 58 5.63 18.23 -29.80
CA PRO A 58 5.56 19.68 -29.60
C PRO A 58 4.12 20.14 -29.34
N GLU A 59 3.15 19.36 -29.80
CA GLU A 59 1.77 19.70 -29.55
C GLU A 59 1.46 19.70 -28.06
N TYR A 60 1.87 18.62 -27.39
CA TYR A 60 1.67 18.50 -25.95
C TYR A 60 2.28 19.65 -25.17
N TRP A 61 3.51 20.02 -25.50
CA TRP A 61 4.20 21.12 -24.83
C TRP A 61 3.54 22.49 -25.01
N GLU A 62 3.11 22.78 -26.24
CA GLU A 62 2.38 24.02 -26.50
C GLU A 62 1.12 24.07 -25.65
N ARG A 63 0.38 22.96 -25.62
CA ARG A 63 -0.89 22.88 -24.90
C ARG A 63 -0.71 23.07 -23.39
N GLU A 64 0.14 22.24 -22.78
CA GLU A 64 0.52 22.43 -21.38
C GLU A 64 1.02 23.86 -21.11
N THR A 65 1.97 24.31 -21.94
CA THR A 65 2.52 25.64 -21.81
C THR A 65 1.42 26.68 -21.75
N GLN A 66 0.50 26.60 -22.71
CA GLN A 66 -0.62 27.53 -22.79
C GLN A 66 -1.48 27.51 -21.53
N LYS A 67 -1.83 26.32 -21.05
CA LYS A 67 -2.56 26.18 -19.79
C LYS A 67 -1.81 26.86 -18.63
N ALA A 68 -0.49 26.70 -18.58
CA ALA A 68 0.30 27.27 -17.50
C ALA A 68 0.26 28.81 -17.52
N LYS A 69 0.50 29.39 -18.69
CA LYS A 69 0.50 30.84 -18.79
C LYS A 69 -0.84 31.42 -18.34
N GLY A 70 -1.93 30.74 -18.69
CA GLY A 70 -3.25 31.18 -18.29
C GLY A 70 -3.54 30.98 -16.82
N ASN A 71 -2.94 29.93 -16.25
CA ASN A 71 -2.98 29.71 -14.81
C ASN A 71 -2.22 30.80 -14.08
N GLU A 72 -1.09 31.23 -14.65
CA GLU A 72 -0.25 32.26 -14.03
C GLU A 72 -0.97 33.60 -13.89
N GLN A 73 -1.71 33.97 -14.92
CA GLN A 73 -2.40 35.26 -14.94
C GLN A 73 -3.64 35.16 -14.07
N SER A 74 -4.25 33.98 -14.05
CA SER A 74 -5.37 33.72 -13.17
C SER A 74 -4.94 33.88 -11.70
N PHE A 75 -3.76 33.35 -11.36
CA PHE A 75 -3.18 33.55 -10.02
C PHE A 75 -2.74 34.99 -9.74
N ARG A 76 -2.23 35.67 -10.76
CA ARG A 76 -1.94 37.09 -10.66
C ARG A 76 -3.19 37.85 -10.22
N VAL A 77 -4.33 37.55 -10.81
CA VAL A 77 -5.59 38.18 -10.42
C VAL A 77 -6.00 37.74 -9.01
N ASP A 78 -5.85 36.45 -8.71
CA ASP A 78 -6.11 35.91 -7.36
C ASP A 78 -5.30 36.59 -6.25
N LEU A 79 -4.07 36.98 -6.56
CA LEU A 79 -3.23 37.73 -5.62
C LEU A 79 -3.91 39.04 -5.22
N ARG A 80 -4.40 39.77 -6.21
CA ARG A 80 -5.08 41.05 -5.96
C ARG A 80 -6.41 40.84 -5.26
N THR A 81 -7.14 39.83 -5.71
CA THR A 81 -8.41 39.47 -5.11
C THR A 81 -8.29 39.25 -3.60
N LEU A 82 -7.34 38.39 -3.20
CA LEU A 82 -7.11 38.10 -1.79
C LEU A 82 -6.64 39.32 -0.97
N LEU A 83 -5.84 40.20 -1.58
CA LEU A 83 -5.53 41.49 -0.95
C LEU A 83 -6.80 42.20 -0.49
N GLY A 84 -7.90 42.00 -1.21
CA GLY A 84 -9.19 42.53 -0.84
C GLY A 84 -9.90 41.75 0.27
N TYR A 85 -9.95 40.44 0.14
CA TYR A 85 -10.62 39.62 1.16
C TYR A 85 -10.01 39.92 2.53
N TYR A 86 -8.68 40.05 2.59
CA TYR A 86 -7.98 40.21 3.85
C TYR A 86 -7.67 41.65 4.25
N ASN A 87 -7.91 42.59 3.35
CA ASN A 87 -7.63 44.00 3.63
C ASN A 87 -6.14 44.24 3.92
N GLN A 88 -5.31 43.87 2.97
CA GLN A 88 -3.86 43.94 3.11
C GLN A 88 -3.28 45.01 2.24
N SER A 89 -2.18 45.63 2.68
CA SER A 89 -1.48 46.59 1.85
C SER A 89 -1.18 46.01 0.47
N LYS A 90 -1.10 46.88 -0.54
CA LYS A 90 -0.74 46.44 -1.88
C LYS A 90 0.77 46.38 -2.03
N GLY A 91 1.49 46.46 -0.92
CA GLY A 91 2.93 46.65 -0.98
C GLY A 91 3.78 45.50 -0.48
N GLY A 92 3.14 44.51 0.11
CA GLY A 92 3.87 43.38 0.65
C GLY A 92 3.83 42.14 -0.22
N SER A 93 4.79 41.24 -0.03
CA SER A 93 4.81 39.99 -0.79
C SER A 93 3.84 38.95 -0.21
N HIS A 94 3.04 38.35 -1.08
CA HIS A 94 2.13 37.30 -0.64
C HIS A 94 2.29 36.05 -1.52
N THR A 95 1.89 34.90 -0.99
CA THR A 95 2.07 33.64 -1.69
C THR A 95 0.80 32.82 -1.79
N ILE A 96 0.43 32.40 -2.99
CA ILE A 96 -0.63 31.41 -3.16
C ILE A 96 0.00 30.10 -3.59
N GLN A 97 -0.46 29.00 -3.00
CA GLN A 97 0.01 27.69 -3.39
C GLN A 97 -1.14 26.73 -3.65
N VAL A 98 -0.94 25.81 -4.57
CA VAL A 98 -1.97 24.86 -4.90
C VAL A 98 -1.35 23.49 -5.07
N ILE A 99 -2.00 22.48 -4.51
CA ILE A 99 -1.68 21.10 -4.81
C ILE A 99 -2.90 20.48 -5.48
N SER A 100 -2.70 19.99 -6.70
CA SER A 100 -3.80 19.44 -7.49
C SER A 100 -3.38 18.11 -8.08
N GLY A 101 -4.18 17.07 -7.88
CA GLY A 101 -3.83 15.75 -8.39
C GLY A 101 -4.74 14.56 -8.12
N CYS A 102 -4.31 13.42 -8.65
CA CYS A 102 -5.01 12.16 -8.51
C CYS A 102 -4.05 11.05 -8.06
N GLU A 103 -4.53 10.19 -7.16
CA GLU A 103 -3.84 8.96 -6.79
C GLU A 103 -4.73 7.80 -7.22
N VAL A 104 -4.12 6.82 -7.87
CA VAL A 104 -4.86 5.66 -8.35
C VAL A 104 -4.24 4.39 -7.81
N GLY A 105 -5.06 3.36 -7.65
CA GLY A 105 -4.59 2.08 -7.16
C GLY A 105 -3.90 1.25 -8.22
N SER A 106 -3.49 0.04 -7.84
CA SER A 106 -2.91 -0.89 -8.78
C SER A 106 -3.87 -1.23 -9.89
N ASP A 107 -5.17 -1.26 -9.57
CA ASP A 107 -6.22 -1.50 -10.56
C ASP A 107 -6.30 -0.41 -11.62
N GLY A 108 -6.05 0.82 -11.22
CA GLY A 108 -5.98 1.93 -12.15
C GLY A 108 -7.11 2.89 -11.87
N ARG A 109 -7.88 2.54 -10.86
CA ARG A 109 -9.04 3.35 -10.54
C ARG A 109 -8.74 4.41 -9.48
N LEU A 110 -9.52 5.49 -9.51
CA LEU A 110 -9.43 6.56 -8.53
C LEU A 110 -9.24 6.09 -7.09
N LEU A 111 -8.22 6.61 -6.43
CA LEU A 111 -8.02 6.31 -5.03
C LEU A 111 -8.37 7.55 -4.21
N ARG A 112 -8.34 8.69 -4.89
CA ARG A 112 -8.51 9.99 -4.26
C ARG A 112 -8.02 11.10 -5.17
N GLY A 113 -8.95 11.85 -5.75
CA GLY A 113 -8.62 13.03 -6.52
C GLY A 113 -8.74 14.20 -5.58
N TYR A 114 -8.02 15.30 -5.83
CA TYR A 114 -8.08 16.42 -4.90
C TYR A 114 -7.45 17.76 -5.32
N GLN A 115 -7.74 18.79 -4.55
CA GLN A 115 -7.22 20.12 -4.86
C GLN A 115 -7.33 21.09 -3.70
N GLN A 116 -6.20 21.38 -3.06
CA GLN A 116 -6.18 22.33 -1.94
C GLN A 116 -5.38 23.60 -2.25
N TYR A 117 -5.80 24.72 -1.67
CA TYR A 117 -5.10 25.98 -1.84
C TYR A 117 -4.54 26.50 -0.52
N ALA A 118 -3.53 27.34 -0.61
CA ALA A 118 -2.92 27.93 0.58
C ALA A 118 -2.58 29.38 0.32
N TYR A 119 -2.85 30.22 1.30
CA TYR A 119 -2.49 31.61 1.23
C TYR A 119 -1.46 31.90 2.30
N ASP A 120 -0.31 32.41 1.90
CA ASP A 120 0.72 32.80 2.84
C ASP A 120 1.09 31.65 3.77
N GLY A 121 1.13 30.45 3.21
CA GLY A 121 1.55 29.28 3.96
C GLY A 121 0.47 28.64 4.82
N CYS A 122 -0.76 29.12 4.72
CA CYS A 122 -1.87 28.58 5.51
C CYS A 122 -3.03 28.05 4.65
N ASP A 123 -3.56 26.88 4.99
CA ASP A 123 -4.69 26.33 4.28
C ASP A 123 -5.74 27.40 4.05
N TYR A 124 -6.20 27.45 2.81
CA TYR A 124 -7.25 28.37 2.39
C TYR A 124 -8.52 27.61 2.09
N ILE A 125 -8.48 26.76 1.08
CA ILE A 125 -9.64 25.96 0.74
C ILE A 125 -9.20 24.62 0.16
N ALA A 126 -10.14 23.68 0.03
CA ALA A 126 -9.80 22.34 -0.42
C ALA A 126 -11.01 21.50 -0.78
N LEU A 127 -10.99 20.96 -2.00
CA LEU A 127 -11.95 19.96 -2.45
C LEU A 127 -11.95 18.73 -1.53
N ASN A 128 -13.11 18.33 -1.03
CA ASN A 128 -13.15 17.20 -0.11
C ASN A 128 -13.00 15.84 -0.79
N GLU A 129 -12.82 14.80 0.03
CA GLU A 129 -12.61 13.45 -0.48
C GLU A 129 -13.67 13.09 -1.52
N ASP A 130 -14.86 13.61 -1.31
CA ASP A 130 -16.01 13.29 -2.14
C ASP A 130 -16.11 14.10 -3.43
N LEU A 131 -15.04 14.81 -3.78
CA LEU A 131 -15.01 15.66 -4.98
C LEU A 131 -16.30 16.43 -5.23
N LYS A 132 -17.07 16.69 -4.17
CA LYS A 132 -18.34 17.38 -4.31
C LYS A 132 -18.33 18.77 -3.67
N THR A 133 -17.84 18.82 -2.44
CA THR A 133 -17.95 20.01 -1.60
C THR A 133 -16.62 20.51 -0.99
N TRP A 134 -16.59 21.82 -0.67
CA TRP A 134 -15.37 22.48 -0.23
C TRP A 134 -15.25 22.65 1.29
N THR A 135 -14.01 22.65 1.77
CA THR A 135 -13.69 23.03 3.14
C THR A 135 -12.91 24.37 3.17
N ALA A 136 -13.62 25.47 3.41
CA ALA A 136 -12.97 26.76 3.58
C ALA A 136 -12.26 26.74 4.93
N ALA A 137 -11.05 27.30 4.98
CA ALA A 137 -10.30 27.26 6.24
C ALA A 137 -10.53 28.50 7.08
N ASP A 138 -11.04 29.56 6.45
CA ASP A 138 -11.35 30.79 7.17
C ASP A 138 -12.46 31.60 6.51
N MET A 139 -12.73 32.79 7.05
CA MET A 139 -13.81 33.62 6.57
C MET A 139 -13.60 34.00 5.11
N ALA A 140 -12.37 34.37 4.76
CA ALA A 140 -12.09 34.79 3.39
C ALA A 140 -12.32 33.64 2.43
N ALA A 141 -11.87 32.44 2.80
CA ALA A 141 -12.11 31.28 1.97
C ALA A 141 -13.61 31.02 1.74
N LEU A 142 -14.47 31.44 2.66
CA LEU A 142 -15.92 31.23 2.51
C LEU A 142 -16.44 31.91 1.27
N ILE A 143 -15.85 33.06 0.94
CA ILE A 143 -16.23 33.79 -0.26
C ILE A 143 -15.93 32.96 -1.50
N THR A 144 -14.67 32.54 -1.63
CA THR A 144 -14.27 31.72 -2.77
C THR A 144 -15.20 30.52 -2.92
N LYS A 145 -15.69 30.02 -1.79
CA LYS A 145 -16.61 28.90 -1.80
C LYS A 145 -17.83 29.21 -2.67
N HIS A 146 -18.59 30.24 -2.32
CA HIS A 146 -19.77 30.60 -3.12
C HIS A 146 -19.37 30.78 -4.56
N LYS A 147 -18.41 31.67 -4.80
CA LYS A 147 -17.99 31.97 -6.15
C LYS A 147 -17.70 30.72 -6.97
N TRP A 148 -17.37 29.62 -6.28
CA TRP A 148 -17.10 28.36 -6.97
C TRP A 148 -18.31 27.42 -6.94
N GLU A 149 -19.42 27.88 -6.36
CA GLU A 149 -20.69 27.16 -6.40
C GLU A 149 -21.59 27.82 -7.44
N GLN A 150 -21.85 29.12 -7.25
CA GLN A 150 -22.61 29.93 -8.21
C GLN A 150 -22.03 29.87 -9.64
N ALA A 151 -20.76 29.50 -9.74
CA ALA A 151 -20.08 29.44 -11.02
C ALA A 151 -19.88 28.00 -11.45
N GLY A 152 -20.18 27.09 -10.53
CA GLY A 152 -20.09 25.65 -10.78
C GLY A 152 -18.74 25.23 -11.30
N GLU A 153 -17.83 24.85 -10.41
CA GLU A 153 -16.49 24.43 -10.80
C GLU A 153 -16.01 23.18 -10.04
N ALA A 154 -16.82 22.69 -9.11
CA ALA A 154 -16.47 21.48 -8.36
C ALA A 154 -16.88 20.19 -9.08
N GLU A 155 -17.56 20.34 -10.21
CA GLU A 155 -17.89 19.21 -11.07
C GLU A 155 -16.88 19.21 -12.20
N ARG A 156 -16.73 20.36 -12.83
CA ARG A 156 -15.69 20.57 -13.82
C ARG A 156 -14.39 19.93 -13.35
N LEU A 157 -14.05 20.14 -12.09
CA LEU A 157 -12.79 19.65 -11.55
C LEU A 157 -12.84 18.14 -11.31
N ARG A 158 -14.03 17.64 -11.03
CA ARG A 158 -14.24 16.21 -10.82
C ARG A 158 -13.99 15.44 -12.13
N ALA A 159 -14.50 15.98 -13.24
CA ALA A 159 -14.23 15.40 -14.54
C ALA A 159 -12.74 15.24 -14.73
N TYR A 160 -12.01 16.34 -14.57
CA TYR A 160 -10.57 16.33 -14.74
C TYR A 160 -9.94 15.25 -13.88
N LEU A 161 -10.28 15.24 -12.60
CA LEU A 161 -9.63 14.36 -11.65
C LEU A 161 -9.94 12.87 -11.86
N GLU A 162 -11.16 12.56 -12.31
CA GLU A 162 -11.54 11.18 -12.57
C GLU A 162 -11.32 10.74 -14.03
N GLY A 163 -11.05 11.70 -14.92
CA GLY A 163 -10.89 11.42 -16.32
C GLY A 163 -9.51 11.75 -16.87
N THR A 164 -9.31 12.96 -17.36
CA THR A 164 -8.05 13.26 -18.03
C THR A 164 -6.86 13.05 -17.10
N CYS A 165 -7.05 13.34 -15.82
CA CYS A 165 -5.97 13.18 -14.86
C CYS A 165 -5.53 11.74 -14.71
N VAL A 166 -6.52 10.83 -14.65
CA VAL A 166 -6.28 9.40 -14.59
C VAL A 166 -5.68 8.86 -15.89
N GLU A 167 -6.25 9.27 -17.02
CA GLU A 167 -5.81 8.77 -18.33
C GLU A 167 -4.36 9.14 -18.57
N TRP A 168 -3.99 10.36 -18.20
CA TRP A 168 -2.63 10.83 -18.43
C TRP A 168 -1.63 10.23 -17.44
N LEU A 169 -2.06 10.05 -16.18
CA LEU A 169 -1.27 9.28 -15.21
C LEU A 169 -0.85 7.92 -15.81
N ARG A 170 -1.81 7.16 -16.30
CA ARG A 170 -1.52 5.89 -16.99
C ARG A 170 -0.48 6.12 -18.07
N ARG A 171 -0.78 7.05 -18.97
CA ARG A 171 0.12 7.39 -20.08
C ARG A 171 1.55 7.63 -19.62
N TYR A 172 1.70 8.45 -18.58
CA TYR A 172 3.01 8.81 -18.05
C TYR A 172 3.70 7.58 -17.44
N LEU A 173 3.00 6.88 -16.55
CA LEU A 173 3.46 5.61 -16.01
C LEU A 173 3.98 4.65 -17.09
N LYS A 174 3.19 4.44 -18.12
CA LYS A 174 3.61 3.56 -19.21
C LYS A 174 4.98 3.96 -19.77
N ASN A 175 5.22 5.25 -20.00
CA ASN A 175 6.51 5.72 -20.54
C ASN A 175 7.68 5.82 -19.54
N GLY A 176 7.39 6.12 -18.28
CA GLY A 176 8.43 6.32 -17.29
C GLY A 176 8.66 5.14 -16.36
N ASN A 177 7.72 4.19 -16.37
CA ASN A 177 7.78 3.02 -15.48
C ASN A 177 9.18 2.44 -15.22
N ALA A 178 9.91 2.15 -16.28
CA ALA A 178 11.24 1.56 -16.14
C ALA A 178 12.16 2.50 -15.37
N THR A 179 12.00 3.80 -15.60
CA THR A 179 12.83 4.75 -14.86
C THR A 179 12.27 5.02 -13.46
N LEU A 180 10.95 5.15 -13.36
CA LEU A 180 10.31 5.30 -12.07
C LEU A 180 10.71 4.21 -11.08
N LEU A 181 10.56 2.94 -11.50
CA LEU A 181 10.85 1.77 -10.67
C LEU A 181 12.31 1.69 -10.19
N ARG A 182 13.12 2.67 -10.54
CA ARG A 182 14.54 2.59 -10.24
C ARG A 182 14.82 2.52 -8.73
N THR A 183 15.70 1.61 -8.32
CA THR A 183 16.01 1.42 -6.91
C THR A 183 17.51 1.36 -6.66
N ASP A 184 17.95 2.08 -5.63
CA ASP A 184 19.34 2.03 -5.22
C ASP A 184 19.41 1.60 -3.75
N SER A 185 20.15 0.53 -3.47
CA SER A 185 20.36 0.08 -2.11
C SER A 185 21.29 1.04 -1.43
N PRO A 186 21.12 1.20 -0.12
CA PRO A 186 22.09 1.93 0.73
C PRO A 186 23.33 1.11 0.99
N LYS A 187 24.46 1.79 0.96
CA LYS A 187 25.72 1.26 1.49
C LYS A 187 25.87 1.84 2.87
N ALA A 188 25.95 0.97 3.86
CA ALA A 188 26.07 1.42 5.23
C ALA A 188 27.50 1.23 5.77
N HIS A 189 27.81 1.92 6.86
CA HIS A 189 29.05 1.72 7.60
C HIS A 189 28.91 2.50 8.88
N VAL A 190 29.74 2.18 9.85
CA VAL A 190 29.66 2.80 11.16
C VAL A 190 30.93 3.61 11.43
N THR A 191 30.75 4.80 12.00
CA THR A 191 31.88 5.63 12.41
C THR A 191 31.89 5.83 13.91
N HIS A 192 33.07 6.22 14.42
CA HIS A 192 33.38 6.25 15.85
C HIS A 192 33.94 7.63 16.22
N HIS A 193 33.37 8.27 17.23
CA HIS A 193 33.81 9.61 17.62
C HIS A 193 33.88 9.78 19.13
N SER A 194 34.85 10.56 19.58
CA SER A 194 35.05 10.84 20.99
C SER A 194 33.86 11.55 21.64
N ARG A 195 34.03 11.94 22.90
CA ARG A 195 32.92 12.43 23.73
C ARG A 195 33.47 12.69 25.14
N PRO A 196 32.94 13.71 25.84
CA PRO A 196 33.58 13.98 27.13
C PRO A 196 33.78 12.69 27.94
N GLU A 197 34.94 12.56 28.56
CA GLU A 197 35.18 11.48 29.50
C GLU A 197 35.12 10.11 28.85
N ASP A 198 34.37 9.22 29.50
CA ASP A 198 34.38 7.79 29.20
C ASP A 198 33.20 7.35 28.35
N LYS A 199 32.75 8.23 27.46
CA LYS A 199 31.72 7.90 26.48
C LYS A 199 32.26 8.07 25.07
N VAL A 200 31.68 7.36 24.11
CA VAL A 200 31.96 7.61 22.70
C VAL A 200 30.68 7.64 21.88
N THR A 201 30.76 8.20 20.68
CA THR A 201 29.59 8.29 19.82
C THR A 201 29.75 7.30 18.67
N LEU A 202 28.70 6.52 18.42
CA LEU A 202 28.65 5.60 17.28
C LEU A 202 27.64 6.11 16.29
N ARG A 203 28.09 6.34 15.06
CA ARG A 203 27.20 6.91 14.06
C ARG A 203 27.03 5.97 12.88
N CYS A 204 25.80 5.62 12.61
CA CYS A 204 25.54 4.71 11.54
C CYS A 204 25.09 5.45 10.29
N TRP A 205 25.85 5.25 9.24
CA TRP A 205 25.66 6.01 8.01
C TRP A 205 25.00 5.16 6.95
N ALA A 206 23.94 5.67 6.35
CA ALA A 206 23.35 5.10 5.15
C ALA A 206 23.49 6.10 3.97
N LEU A 207 24.19 5.66 2.92
CA LEU A 207 24.58 6.52 1.79
C LEU A 207 24.08 5.99 0.44
N GLY A 208 23.84 6.92 -0.48
CA GLY A 208 23.61 6.61 -1.88
C GLY A 208 22.35 5.84 -2.22
N PHE A 209 21.28 6.03 -1.46
CA PHE A 209 20.09 5.21 -1.61
C PHE A 209 18.90 5.93 -2.27
N TYR A 210 17.96 5.15 -2.81
CA TYR A 210 16.76 5.66 -3.47
C TYR A 210 15.76 4.51 -3.60
N PRO A 211 14.48 4.78 -3.31
CA PRO A 211 14.00 6.10 -2.85
C PRO A 211 14.51 6.50 -1.48
N ALA A 212 14.02 7.66 -1.03
CA ALA A 212 14.54 8.31 0.16
C ALA A 212 14.05 7.62 1.43
N ASP A 213 12.86 7.05 1.37
CA ASP A 213 12.29 6.32 2.50
C ASP A 213 13.28 5.27 3.01
N ILE A 214 13.47 5.26 4.32
CA ILE A 214 14.48 4.41 4.93
C ILE A 214 14.38 4.50 6.44
N THR A 215 14.96 3.51 7.11
CA THR A 215 14.89 3.45 8.56
C THR A 215 16.21 2.93 9.15
N LEU A 216 16.77 3.72 10.06
CA LEU A 216 18.00 3.36 10.74
C LEU A 216 17.66 3.18 12.20
N THR A 217 18.04 2.03 12.76
CA THR A 217 17.83 1.76 14.18
C THR A 217 19.12 1.30 14.85
N TRP A 218 19.21 1.59 16.14
CA TRP A 218 20.28 1.07 16.96
C TRP A 218 19.72 0.06 17.98
N GLN A 219 20.46 -1.03 18.15
CA GLN A 219 20.07 -2.06 19.11
C GLN A 219 21.16 -2.33 20.15
N LEU A 220 20.75 -2.34 21.42
CA LEU A 220 21.55 -2.92 22.50
C LEU A 220 20.98 -4.32 22.78
N ASN A 221 21.68 -5.34 22.27
CA ASN A 221 21.28 -6.74 22.36
C ASN A 221 19.76 -6.93 22.22
N GLY A 222 19.27 -6.79 21.00
CA GLY A 222 17.87 -7.08 20.71
C GLY A 222 16.84 -6.27 21.47
N GLU A 223 17.17 -5.03 21.80
CA GLU A 223 16.14 -4.04 22.11
C GLU A 223 16.47 -2.74 21.39
N GLU A 224 15.45 -2.11 20.81
CA GLU A 224 15.69 -0.89 20.06
C GLU A 224 15.88 0.29 20.99
N LEU A 225 16.97 1.01 20.77
CA LEU A 225 17.28 2.17 21.59
C LEU A 225 16.39 3.36 21.23
N ILE A 226 15.17 3.32 21.73
CA ILE A 226 14.16 4.32 21.45
C ILE A 226 14.60 5.74 21.86
N GLN A 227 14.90 5.91 23.13
CA GLN A 227 15.15 7.24 23.65
C GLN A 227 16.50 7.74 23.18
N ASP A 228 16.77 9.03 23.36
CA ASP A 228 18.01 9.67 22.92
C ASP A 228 18.93 8.86 21.99
N MET A 229 18.41 8.56 20.81
CA MET A 229 19.23 8.20 19.68
C MET A 229 19.13 9.42 18.76
N GLU A 230 20.27 9.92 18.27
CA GLU A 230 20.26 11.14 17.46
C GLU A 230 20.17 10.82 15.96
N LEU A 231 19.32 11.53 15.23
CA LEU A 231 19.22 11.27 13.80
C LEU A 231 18.87 12.50 12.96
N VAL A 232 19.54 12.62 11.82
CA VAL A 232 19.27 13.71 10.90
C VAL A 232 18.14 13.33 9.95
N GLU A 233 17.47 14.36 9.41
CA GLU A 233 16.47 14.18 8.38
C GLU A 233 17.13 13.64 7.12
N THR A 234 16.44 12.77 6.39
CA THR A 234 17.03 12.22 5.19
C THR A 234 17.27 13.37 4.24
N ARG A 235 18.41 13.33 3.55
CA ARG A 235 18.89 14.50 2.83
C ARG A 235 19.50 14.14 1.48
N PRO A 236 19.36 15.05 0.52
CA PRO A 236 19.82 14.83 -0.84
C PRO A 236 21.32 14.80 -0.94
N ALA A 237 21.90 13.77 -1.54
CA ALA A 237 23.32 13.83 -1.86
C ALA A 237 23.56 14.91 -2.94
N GLY A 238 22.53 15.18 -3.73
CA GLY A 238 22.64 16.14 -4.83
C GLY A 238 22.80 15.42 -6.15
N ASP A 239 22.98 14.10 -6.10
CA ASP A 239 23.16 13.30 -7.30
C ASP A 239 22.01 12.32 -7.58
N GLY A 240 20.85 12.53 -6.95
CA GLY A 240 19.73 11.60 -7.05
C GLY A 240 19.58 10.62 -5.91
N THR A 241 20.65 10.42 -5.14
CA THR A 241 20.59 9.53 -3.99
C THR A 241 20.47 10.31 -2.69
N PHE A 242 20.13 9.61 -1.62
CA PHE A 242 19.96 10.23 -0.30
C PHE A 242 20.95 9.69 0.73
N GLN A 243 21.09 10.42 1.82
CA GLN A 243 21.95 10.02 2.93
C GLN A 243 21.16 10.19 4.22
N LYS A 244 21.41 9.30 5.17
CA LYS A 244 20.85 9.45 6.51
C LYS A 244 21.86 8.91 7.52
N TRP A 245 21.75 9.35 8.75
CA TRP A 245 22.48 8.69 9.81
C TRP A 245 21.73 8.72 11.14
N ALA A 246 22.18 7.85 12.03
CA ALA A 246 21.61 7.72 13.35
C ALA A 246 22.75 7.36 14.29
N SER A 247 22.75 7.93 15.48
CA SER A 247 23.90 7.80 16.33
C SER A 247 23.44 7.70 17.76
N VAL A 248 24.28 7.04 18.56
CA VAL A 248 24.00 6.85 19.98
C VAL A 248 25.28 7.08 20.75
N VAL A 249 25.12 7.47 22.00
CA VAL A 249 26.25 7.60 22.91
C VAL A 249 26.34 6.38 23.80
N VAL A 250 27.46 5.69 23.69
CA VAL A 250 27.66 4.44 24.43
C VAL A 250 28.90 4.45 25.30
N PRO A 251 28.90 3.62 26.35
CA PRO A 251 30.08 3.49 27.19
C PRO A 251 31.32 3.11 26.38
N LEU A 252 32.47 3.61 26.81
CA LEU A 252 33.75 3.33 26.18
C LEU A 252 34.10 1.91 26.44
N GLY A 253 34.47 1.18 25.39
CA GLY A 253 34.72 -0.25 25.50
C GLY A 253 33.50 -1.13 25.34
N LYS A 254 32.32 -0.53 25.21
CA LYS A 254 31.10 -1.31 25.04
C LYS A 254 30.52 -1.20 23.63
N GLU A 255 31.35 -0.80 22.66
CA GLU A 255 30.90 -0.60 21.28
C GLU A 255 30.40 -1.87 20.64
N GLN A 256 31.03 -2.98 20.98
CA GLN A 256 30.68 -4.27 20.42
C GLN A 256 29.35 -4.84 20.95
N TYR A 257 28.66 -4.07 21.79
CA TYR A 257 27.34 -4.44 22.30
C TYR A 257 26.19 -3.83 21.48
N TYR A 258 26.54 -3.01 20.49
CA TYR A 258 25.52 -2.28 19.75
C TYR A 258 25.45 -2.67 18.28
N THR A 259 24.24 -2.70 17.75
CA THR A 259 24.04 -3.07 16.36
C THR A 259 23.19 -2.03 15.63
N CYS A 260 23.66 -1.60 14.48
CA CYS A 260 22.85 -0.71 13.68
C CYS A 260 22.04 -1.53 12.68
N HIS A 261 20.76 -1.23 12.58
CA HIS A 261 19.92 -1.91 11.61
C HIS A 261 19.40 -0.93 10.54
N VAL A 262 19.69 -1.27 9.28
CA VAL A 262 19.29 -0.45 8.17
C VAL A 262 18.20 -1.15 7.35
N TYR A 263 16.99 -0.61 7.41
CA TYR A 263 15.85 -1.15 6.66
C TYR A 263 15.54 -0.29 5.45
N HIS A 264 15.67 -0.87 4.27
CA HIS A 264 15.42 -0.16 3.01
C HIS A 264 14.77 -1.05 1.95
N GLN A 265 13.82 -0.47 1.23
CA GLN A 265 12.98 -1.20 0.28
C GLN A 265 13.78 -1.96 -0.77
N GLY A 266 15.03 -1.58 -0.99
CA GLY A 266 15.80 -2.15 -2.07
C GLY A 266 16.84 -3.15 -1.66
N LEU A 267 16.83 -3.54 -0.39
CA LEU A 267 17.80 -4.52 0.08
C LEU A 267 17.19 -5.91 0.11
N PRO A 268 17.96 -6.93 -0.32
CA PRO A 268 17.49 -8.31 -0.15
C PRO A 268 16.89 -8.50 1.25
N GLU A 269 17.61 -7.98 2.24
CA GLU A 269 17.24 -8.08 3.65
C GLU A 269 17.90 -6.93 4.40
N PRO A 270 17.32 -6.53 5.55
CA PRO A 270 17.87 -5.45 6.35
C PRO A 270 19.36 -5.61 6.58
N LEU A 271 20.11 -4.50 6.51
CA LEU A 271 21.53 -4.52 6.83
C LEU A 271 21.72 -4.54 8.34
N THR A 272 22.68 -5.34 8.77
CA THR A 272 23.01 -5.42 10.17
C THR A 272 24.50 -5.18 10.29
N LEU A 273 24.90 -4.24 11.14
CA LEU A 273 26.31 -3.88 11.22
C LEU A 273 26.73 -3.25 12.54
N ARG A 274 28.03 -3.29 12.78
CA ARG A 274 28.61 -2.82 14.02
C ARG A 274 29.87 -2.02 13.74
N TRP A 275 30.32 -1.31 14.76
CA TRP A 275 31.61 -0.61 14.73
C TRP A 275 32.72 -1.59 14.39
N GLU A 276 33.64 -1.19 13.50
CA GLU A 276 34.76 -2.03 13.09
C GLU A 276 36.08 -1.29 13.25
N PRO A 277 36.74 -1.46 14.41
CA PRO A 277 38.00 -0.72 14.63
C PRO A 277 39.12 -1.35 13.80
N PRO A 278 39.60 -0.63 12.76
CA PRO A 278 40.66 -1.18 11.89
C PRO A 278 42.04 -1.00 12.50
N ILE B 1 2.08 34.43 8.48
CA ILE B 1 2.69 33.50 9.42
C ILE B 1 3.91 32.79 8.82
N GLN B 2 5.06 32.92 9.49
CA GLN B 2 6.32 32.51 8.90
C GLN B 2 6.91 31.27 9.56
N LYS B 3 7.66 30.52 8.76
CA LYS B 3 8.29 29.29 9.23
C LYS B 3 9.80 29.38 9.10
N THR B 4 10.49 29.05 10.18
CA THR B 4 11.95 29.12 10.27
C THR B 4 12.67 27.99 9.54
N PRO B 5 13.55 28.35 8.60
CA PRO B 5 14.27 27.30 7.87
C PRO B 5 15.14 26.42 8.80
N GLN B 6 15.24 25.14 8.45
CA GLN B 6 16.15 24.21 9.10
C GLN B 6 17.26 23.94 8.11
N ILE B 7 18.45 23.67 8.62
CA ILE B 7 19.62 23.67 7.76
C ILE B 7 20.53 22.51 8.04
N GLN B 8 20.96 21.83 6.99
CA GLN B 8 21.99 20.81 7.13
C GLN B 8 23.17 21.16 6.20
N VAL B 9 24.38 21.01 6.70
CA VAL B 9 25.57 21.24 5.88
C VAL B 9 26.38 19.98 5.90
N TYR B 10 26.70 19.46 4.71
CA TYR B 10 27.26 18.12 4.60
C TYR B 10 27.82 17.84 3.22
N SER B 11 28.86 17.04 3.16
CA SER B 11 29.47 16.67 1.88
C SER B 11 28.61 15.67 1.12
N ARG B 12 28.86 15.54 -0.18
CA ARG B 12 28.17 14.53 -0.98
C ARG B 12 28.77 13.14 -0.79
N HIS B 13 30.09 13.10 -0.63
CA HIS B 13 30.83 11.87 -0.39
C HIS B 13 31.52 12.01 0.94
N PRO B 14 31.96 10.90 1.55
CA PRO B 14 32.61 11.07 2.85
C PRO B 14 33.81 11.96 2.64
N PRO B 15 34.00 12.95 3.52
CA PRO B 15 35.10 13.90 3.37
C PRO B 15 36.44 13.18 3.43
N GLU B 16 37.37 13.58 2.57
CA GLU B 16 38.69 13.00 2.60
C GLU B 16 39.70 14.07 2.18
N ASN B 17 40.55 14.48 3.13
CA ASN B 17 41.49 15.58 2.90
C ASN B 17 42.25 15.46 1.59
N GLY B 18 42.11 16.48 0.74
CA GLY B 18 42.80 16.54 -0.53
C GLY B 18 42.05 15.95 -1.73
N LYS B 19 40.81 15.50 -1.52
CA LYS B 19 40.02 14.92 -2.60
C LYS B 19 38.81 15.78 -2.95
N PRO B 20 38.67 16.16 -4.22
CA PRO B 20 37.51 16.95 -4.64
C PRO B 20 36.19 16.34 -4.16
N ASN B 21 35.32 17.19 -3.62
CA ASN B 21 34.01 16.78 -3.15
C ASN B 21 32.92 17.84 -3.53
N ILE B 22 31.71 17.65 -3.04
CA ILE B 22 30.70 18.69 -3.14
C ILE B 22 30.15 18.96 -1.75
N LEU B 23 30.16 20.21 -1.33
CA LEU B 23 29.56 20.60 -0.04
C LEU B 23 28.14 21.09 -0.25
N ASN B 24 27.18 20.46 0.42
CA ASN B 24 25.76 20.85 0.31
C ASN B 24 25.27 21.68 1.46
N CYS B 25 24.26 22.48 1.21
CA CYS B 25 23.52 23.16 2.25
C CYS B 25 22.08 22.98 1.88
N TYR B 26 21.37 22.23 2.71
CA TYR B 26 20.00 21.80 2.45
C TYR B 26 19.14 22.62 3.37
N VAL B 27 18.21 23.38 2.81
CA VAL B 27 17.39 24.28 3.61
C VAL B 27 15.93 23.94 3.44
N THR B 28 15.29 23.62 4.56
CA THR B 28 13.92 23.13 4.52
C THR B 28 13.06 23.87 5.52
N GLN B 29 11.76 23.64 5.45
CA GLN B 29 10.80 24.14 6.44
C GLN B 29 10.56 25.65 6.49
N PHE B 30 10.84 26.37 5.41
CA PHE B 30 10.70 27.84 5.47
C PHE B 30 9.52 28.40 4.66
N HIS B 31 9.13 29.62 5.00
CA HIS B 31 8.02 30.29 4.39
C HIS B 31 7.95 31.67 5.00
N PRO B 32 7.96 32.73 4.17
CA PRO B 32 7.82 32.80 2.71
C PRO B 32 8.97 32.14 1.94
N PRO B 33 8.79 31.98 0.61
CA PRO B 33 9.74 31.35 -0.30
C PRO B 33 11.06 32.11 -0.51
N HIS B 34 11.06 33.43 -0.42
CA HIS B 34 12.29 34.20 -0.67
C HIS B 34 13.31 33.99 0.44
N ILE B 35 14.51 33.58 0.06
CA ILE B 35 15.52 33.26 1.04
C ILE B 35 16.88 33.56 0.43
N GLU B 36 17.86 33.92 1.26
CA GLU B 36 19.16 34.24 0.71
C GLU B 36 20.19 33.32 1.30
N ILE B 37 20.83 32.52 0.44
CA ILE B 37 21.74 31.49 0.93
C ILE B 37 23.17 31.68 0.46
N GLN B 38 24.11 31.55 1.40
CA GLN B 38 25.52 31.77 1.09
C GLN B 38 26.34 30.66 1.71
N MET B 39 27.44 30.32 1.07
CA MET B 39 28.38 29.40 1.66
C MET B 39 29.73 30.11 1.85
N LEU B 40 30.33 29.89 3.01
CA LEU B 40 31.54 30.62 3.37
C LEU B 40 32.69 29.67 3.64
N LYS B 41 33.84 30.00 3.08
CA LYS B 41 35.08 29.29 3.39
C LYS B 41 36.01 30.20 4.19
N ASN B 42 36.27 29.80 5.43
CA ASN B 42 37.19 30.53 6.31
C ASN B 42 36.72 31.96 6.58
N GLY B 43 35.40 32.13 6.71
CA GLY B 43 34.77 33.42 6.94
C GLY B 43 34.36 34.21 5.70
N LYS B 44 34.83 33.78 4.53
CA LYS B 44 34.62 34.52 3.29
C LYS B 44 33.63 33.85 2.34
N LYS B 45 32.69 34.65 1.84
CA LYS B 45 31.70 34.21 0.87
C LYS B 45 32.32 33.44 -0.29
N ILE B 46 31.83 32.22 -0.52
CA ILE B 46 32.18 31.47 -1.71
C ILE B 46 31.30 31.96 -2.87
N PRO B 47 31.91 32.32 -3.99
CA PRO B 47 31.07 32.93 -5.04
C PRO B 47 30.32 31.91 -5.93
N LYS B 48 31.02 30.88 -6.39
CA LYS B 48 30.42 29.84 -7.23
C LYS B 48 29.54 28.88 -6.41
N VAL B 49 28.30 29.27 -6.17
CA VAL B 49 27.37 28.41 -5.44
C VAL B 49 26.13 28.13 -6.28
N GLU B 50 25.99 26.89 -6.73
CA GLU B 50 24.81 26.48 -7.48
C GLU B 50 23.60 26.33 -6.56
N MET B 51 22.43 26.61 -7.09
CA MET B 51 21.20 26.45 -6.33
C MET B 51 20.20 25.62 -7.11
N SER B 52 19.65 24.59 -6.47
CA SER B 52 18.59 23.79 -7.08
C SER B 52 17.37 24.68 -7.28
N ASP B 53 16.43 24.23 -8.09
CA ASP B 53 15.15 24.91 -8.21
C ASP B 53 14.37 24.75 -6.90
N MET B 54 13.52 25.71 -6.60
CA MET B 54 12.84 25.65 -5.33
C MET B 54 11.57 24.83 -5.43
N SER B 55 11.35 23.98 -4.44
CA SER B 55 10.12 23.19 -4.33
C SER B 55 9.39 23.50 -3.01
N PHE B 56 8.15 23.05 -2.91
CA PHE B 56 7.47 22.98 -1.63
C PHE B 56 6.87 21.59 -1.37
N SER B 57 6.53 21.32 -0.11
CA SER B 57 6.13 20.01 0.37
C SER B 57 4.69 20.11 0.85
N LYS B 58 4.13 18.98 1.29
CA LYS B 58 2.69 18.90 1.56
C LYS B 58 2.21 19.86 2.65
N ASP B 59 3.05 20.12 3.65
CA ASP B 59 2.78 21.17 4.65
C ASP B 59 2.97 22.60 4.10
N TRP B 60 3.16 22.72 2.78
CA TRP B 60 3.36 24.02 2.11
C TRP B 60 4.75 24.66 2.22
N SER B 61 5.59 24.17 3.13
CA SER B 61 6.90 24.75 3.33
C SER B 61 7.83 24.52 2.14
N PHE B 62 8.76 25.44 1.92
CA PHE B 62 9.63 25.39 0.77
C PHE B 62 10.96 24.73 1.12
N TYR B 63 11.66 24.20 0.12
CA TYR B 63 12.99 23.66 0.33
C TYR B 63 13.90 23.85 -0.88
N ILE B 64 15.19 23.98 -0.64
CA ILE B 64 16.14 24.16 -1.73
C ILE B 64 17.50 23.58 -1.36
N LEU B 65 18.22 23.05 -2.34
CA LEU B 65 19.60 22.63 -2.10
C LEU B 65 20.65 23.58 -2.71
N ALA B 66 21.46 24.21 -1.85
CA ALA B 66 22.62 24.96 -2.30
C ALA B 66 23.84 24.03 -2.33
N HIS B 67 24.73 24.24 -3.28
CA HIS B 67 25.97 23.43 -3.31
C HIS B 67 27.16 24.04 -4.05
N THR B 68 28.37 23.70 -3.57
CA THR B 68 29.56 24.21 -4.18
C THR B 68 30.62 23.11 -4.17
N GLU B 69 31.43 23.07 -5.21
CA GLU B 69 32.53 22.12 -5.25
C GLU B 69 33.59 22.54 -4.25
N PHE B 70 34.30 21.57 -3.70
CA PHE B 70 35.36 21.89 -2.75
C PHE B 70 36.31 20.74 -2.50
N THR B 71 37.48 21.05 -1.97
CA THR B 71 38.43 20.02 -1.56
C THR B 71 38.73 20.26 -0.09
N PRO B 72 38.16 19.40 0.76
CA PRO B 72 38.35 19.51 2.21
C PRO B 72 39.82 19.45 2.58
N THR B 73 40.21 20.20 3.61
CA THR B 73 41.55 20.09 4.18
C THR B 73 41.42 19.94 5.69
N GLU B 74 42.49 19.63 6.38
CA GLU B 74 42.37 19.40 7.80
C GLU B 74 41.94 20.66 8.57
N THR B 75 42.31 21.85 8.08
CA THR B 75 42.04 23.07 8.84
C THR B 75 40.97 24.03 8.29
N ASP B 76 40.66 23.94 7.00
CA ASP B 76 39.63 24.79 6.40
C ASP B 76 38.25 24.64 7.06
N THR B 77 37.65 25.76 7.41
CA THR B 77 36.34 25.77 8.02
C THR B 77 35.26 26.07 6.97
N TYR B 78 34.15 25.34 7.03
CA TYR B 78 33.04 25.63 6.13
C TYR B 78 31.74 25.97 6.85
N ALA B 79 30.95 26.85 6.22
CA ALA B 79 29.66 27.21 6.76
C ALA B 79 28.64 27.61 5.69
N CYS B 80 27.40 27.75 6.14
CA CYS B 80 26.31 28.14 5.28
C CYS B 80 25.51 29.18 6.06
N ARG B 81 25.28 30.32 5.43
CA ARG B 81 24.55 31.40 6.05
C ARG B 81 23.19 31.58 5.39
N VAL B 82 22.14 31.57 6.20
CA VAL B 82 20.82 31.70 5.65
C VAL B 82 20.14 32.93 6.22
N LYS B 83 19.62 33.77 5.33
CA LYS B 83 18.87 34.95 5.72
C LYS B 83 17.42 34.76 5.36
N HIS B 84 16.55 34.92 6.34
CA HIS B 84 15.15 34.66 6.12
C HIS B 84 14.28 35.51 7.04
N ASP B 85 13.24 36.09 6.43
CA ASP B 85 12.29 36.96 7.10
C ASP B 85 11.91 36.54 8.53
N SER B 86 11.94 35.22 8.77
CA SER B 86 11.45 34.63 10.00
C SER B 86 12.46 34.71 11.13
N MET B 87 13.69 35.05 10.78
CA MET B 87 14.76 35.22 11.75
C MET B 87 15.28 36.67 11.76
N ALA B 88 15.43 37.23 12.95
CA ALA B 88 15.92 38.60 13.09
C ALA B 88 17.23 38.80 12.34
N GLU B 89 18.17 37.87 12.52
CA GLU B 89 19.42 37.93 11.79
C GLU B 89 19.77 36.57 11.16
N PRO B 90 20.75 36.56 10.24
CA PRO B 90 21.08 35.33 9.51
C PRO B 90 21.46 34.23 10.46
N LYS B 91 21.39 33.00 9.97
CA LYS B 91 21.79 31.84 10.75
C LYS B 91 22.94 31.17 10.04
N THR B 92 24.02 30.94 10.78
CA THR B 92 25.18 30.27 10.22
C THR B 92 25.28 28.90 10.84
N VAL B 93 25.22 27.88 9.99
CA VAL B 93 25.50 26.51 10.41
C VAL B 93 26.86 26.10 9.86
N TYR B 94 27.73 25.62 10.72
CA TYR B 94 29.06 25.22 10.30
C TYR B 94 29.07 23.74 9.91
N TRP B 95 29.92 23.41 8.94
CA TRP B 95 30.24 22.03 8.55
C TRP B 95 30.99 21.26 9.64
N ASP B 96 30.43 20.13 10.03
CA ASP B 96 31.04 19.19 10.92
C ASP B 96 31.25 17.94 10.09
N ARG B 97 32.50 17.56 9.84
CA ARG B 97 32.76 16.47 8.91
C ARG B 97 32.46 15.08 9.50
N ASP B 98 32.03 15.05 10.75
CA ASP B 98 31.57 13.81 11.38
C ASP B 98 30.05 13.69 11.25
N MET B 99 29.42 14.67 10.61
CA MET B 99 27.98 14.62 10.46
C MET B 99 27.53 14.83 9.00
N TYR C 1 7.64 -21.01 9.20
CA TYR C 1 7.94 -21.41 10.56
C TYR C 1 6.73 -21.14 11.42
N THR C 2 6.43 -22.05 12.33
CA THR C 2 5.22 -21.95 13.16
C THR C 2 5.60 -21.74 14.64
N VAL C 3 4.61 -21.42 15.49
CA VAL C 3 4.81 -21.21 16.94
C VAL C 3 4.02 -22.18 17.80
N LYS C 4 4.54 -22.45 18.99
CA LYS C 4 3.77 -23.11 20.02
C LYS C 4 2.75 -22.10 20.54
N PHE C 5 1.46 -22.39 20.35
CA PHE C 5 0.40 -21.52 20.87
C PHE C 5 0.29 -21.69 22.38
N PRO C 6 -0.12 -20.62 23.07
CA PRO C 6 -0.12 -20.56 24.54
C PRO C 6 -0.93 -21.67 25.19
N ASN C 7 -2.22 -21.41 25.40
CA ASN C 7 -3.09 -22.32 26.14
C ASN C 7 -4.19 -21.53 26.81
N MET C 8 -5.41 -21.64 26.27
CA MET C 8 -6.51 -20.80 26.70
C MET C 8 -6.96 -21.12 28.12
N GLY D 2 6.99 -4.78 -3.07
CA GLY D 2 5.87 -4.51 -2.19
C GLY D 2 5.96 -5.30 -0.90
N PRO D 3 4.88 -5.29 -0.09
CA PRO D 3 4.83 -6.01 1.19
C PRO D 3 4.58 -7.52 1.04
N HIS D 4 5.03 -8.29 2.05
CA HIS D 4 4.81 -9.75 2.10
C HIS D 4 4.28 -10.23 3.47
N SER D 5 3.84 -11.48 3.52
CA SER D 5 3.27 -12.04 4.76
C SER D 5 3.45 -13.55 4.90
N LEU D 6 3.46 -13.99 6.15
CA LEU D 6 3.51 -15.41 6.51
C LEU D 6 2.49 -15.62 7.60
N ARG D 7 1.29 -16.05 7.22
CA ARG D 7 0.29 -16.31 8.23
C ARG D 7 -0.13 -17.77 8.26
N TYR D 8 -0.49 -18.22 9.46
CA TYR D 8 -1.00 -19.55 9.63
C TYR D 8 -2.45 -19.40 10.00
N PHE D 9 -3.29 -20.23 9.37
CA PHE D 9 -4.70 -20.36 9.70
C PHE D 9 -4.95 -21.71 10.37
N VAL D 10 -5.36 -21.66 11.63
CA VAL D 10 -5.49 -22.88 12.42
C VAL D 10 -6.93 -23.05 12.87
N THR D 11 -7.42 -24.29 12.74
CA THR D 11 -8.76 -24.65 13.21
C THR D 11 -8.78 -25.92 14.04
N ALA D 12 -9.54 -25.89 15.13
CA ALA D 12 -9.80 -27.08 15.91
C ALA D 12 -11.30 -27.25 16.07
N VAL D 13 -11.82 -28.43 15.72
CA VAL D 13 -13.25 -28.67 15.80
C VAL D 13 -13.56 -29.93 16.59
N SER D 14 -14.24 -29.75 17.72
CA SER D 14 -14.60 -30.88 18.56
C SER D 14 -15.77 -31.65 17.96
N ARG D 15 -15.81 -32.94 18.25
CA ARG D 15 -16.91 -33.77 17.83
C ARG D 15 -17.09 -34.85 18.87
N PRO D 16 -17.63 -34.47 20.05
CA PRO D 16 -17.75 -35.41 21.17
C PRO D 16 -18.59 -36.62 20.79
N GLY D 17 -18.16 -37.79 21.27
CA GLY D 17 -18.81 -39.04 20.91
C GLY D 17 -18.26 -39.66 19.65
N LEU D 18 -17.61 -38.88 18.80
CA LEU D 18 -17.21 -39.35 17.46
C LEU D 18 -15.69 -39.33 17.22
N GLY D 19 -14.95 -38.88 18.22
CA GLY D 19 -13.50 -38.92 18.14
C GLY D 19 -12.82 -37.66 18.61
N GLU D 20 -11.52 -37.61 18.38
CA GLU D 20 -10.72 -36.45 18.76
C GLU D 20 -11.08 -35.29 17.85
N PRO D 21 -10.77 -34.06 18.27
CA PRO D 21 -11.12 -32.93 17.40
C PRO D 21 -10.36 -32.96 16.06
N ARG D 22 -11.00 -32.48 14.99
CA ARG D 22 -10.25 -32.31 13.75
C ARG D 22 -9.40 -31.09 13.88
N TYR D 23 -8.16 -31.22 13.43
CA TYR D 23 -7.22 -30.15 13.59
C TYR D 23 -6.58 -29.86 12.24
N MET D 24 -6.48 -28.56 11.93
CA MET D 24 -6.01 -28.10 10.64
C MET D 24 -5.08 -26.91 10.76
N GLU D 25 -3.93 -27.01 10.10
CA GLU D 25 -3.01 -25.91 10.04
C GLU D 25 -2.66 -25.65 8.61
N VAL D 26 -2.87 -24.42 8.18
CA VAL D 26 -2.55 -24.06 6.81
C VAL D 26 -1.66 -22.85 6.82
N GLY D 27 -0.54 -22.96 6.10
CA GLY D 27 0.41 -21.87 6.05
C GLY D 27 0.32 -21.17 4.72
N TYR D 28 0.28 -19.85 4.76
CA TYR D 28 0.20 -19.05 3.55
C TYR D 28 1.41 -18.12 3.53
N VAL D 29 2.07 -18.06 2.39
CA VAL D 29 3.00 -16.97 2.10
C VAL D 29 2.32 -16.07 1.12
N ASP D 30 2.28 -14.76 1.38
CA ASP D 30 1.61 -13.82 0.48
C ASP D 30 0.19 -14.28 0.06
N ASP D 31 -0.52 -14.87 1.03
CA ASP D 31 -1.88 -15.35 0.82
C ASP D 31 -1.97 -16.56 -0.12
N THR D 32 -0.86 -17.25 -0.37
CA THR D 32 -0.90 -18.52 -1.10
C THR D 32 -0.52 -19.71 -0.18
N GLU D 33 -1.37 -20.75 -0.14
CA GLU D 33 -1.05 -21.95 0.64
C GLU D 33 0.28 -22.62 0.20
N PHE D 34 1.17 -22.85 1.17
CA PHE D 34 2.45 -23.52 0.90
C PHE D 34 2.69 -24.74 1.80
N VAL D 35 2.01 -24.76 2.94
CA VAL D 35 2.12 -25.87 3.88
C VAL D 35 0.77 -26.19 4.54
N ARG D 36 0.54 -27.47 4.84
CA ARG D 36 -0.71 -27.89 5.46
C ARG D 36 -0.51 -29.05 6.40
N PHE D 37 -1.19 -28.98 7.54
CA PHE D 37 -1.17 -30.05 8.54
C PHE D 37 -2.60 -30.46 8.84
N ASP D 38 -2.87 -31.76 8.68
CA ASP D 38 -4.20 -32.32 8.81
C ASP D 38 -4.20 -33.56 9.71
N SER D 39 -4.88 -33.43 10.85
CA SER D 39 -4.81 -34.44 11.90
C SER D 39 -5.60 -35.70 11.56
N ASP D 40 -6.30 -35.67 10.44
CA ASP D 40 -7.16 -36.75 10.05
C ASP D 40 -6.40 -37.83 9.31
N ALA D 41 -5.40 -38.41 9.97
CA ALA D 41 -4.55 -39.43 9.35
C ALA D 41 -3.94 -40.27 10.45
N GLU D 42 -3.35 -41.39 10.08
CA GLU D 42 -2.77 -42.31 11.08
C GLU D 42 -1.47 -41.74 11.58
N ASN D 43 -0.75 -41.11 10.66
CA ASN D 43 0.53 -40.49 10.97
C ASN D 43 0.56 -39.11 10.31
N PRO D 44 -0.11 -38.13 10.94
CA PRO D 44 -0.16 -36.72 10.53
C PRO D 44 1.23 -36.13 10.41
N ARG D 45 1.42 -35.33 9.38
CA ARG D 45 2.69 -34.67 9.12
C ARG D 45 2.46 -33.38 8.32
N TYR D 46 3.26 -32.36 8.61
CA TYR D 46 3.25 -31.14 7.78
C TYR D 46 3.65 -31.48 6.35
N GLU D 47 2.96 -30.87 5.37
CA GLU D 47 3.13 -31.21 3.96
C GLU D 47 3.28 -30.01 3.00
N PRO D 48 4.13 -30.17 1.98
CA PRO D 48 4.30 -29.09 1.01
C PRO D 48 3.03 -28.96 0.20
N ARG D 49 2.60 -27.73 -0.06
CA ARG D 49 1.45 -27.44 -0.88
C ARG D 49 1.91 -26.62 -2.10
N ALA D 50 3.21 -26.43 -2.19
CA ALA D 50 3.81 -25.73 -3.30
C ALA D 50 5.11 -26.46 -3.63
N ARG D 51 5.37 -26.70 -4.90
CA ARG D 51 6.58 -27.41 -5.29
C ARG D 51 7.85 -26.81 -4.70
N TRP D 52 7.86 -25.49 -4.51
CA TRP D 52 9.08 -24.80 -4.04
C TRP D 52 9.45 -25.07 -2.58
N MET D 53 8.51 -25.60 -1.81
CA MET D 53 8.72 -25.94 -0.42
C MET D 53 9.41 -27.28 -0.31
N GLU D 54 9.38 -28.03 -1.40
CA GLU D 54 9.94 -29.39 -1.38
C GLU D 54 11.45 -29.40 -1.19
N GLN D 55 12.06 -28.20 -1.18
CA GLN D 55 13.48 -28.03 -0.91
C GLN D 55 13.84 -28.30 0.56
N GLU D 56 12.98 -27.88 1.47
CA GLU D 56 13.26 -28.07 2.89
C GLU D 56 13.55 -29.53 3.14
N GLY D 57 14.54 -29.78 4.00
CA GLY D 57 14.96 -31.14 4.30
C GLY D 57 14.14 -31.77 5.40
N PRO D 58 14.42 -33.05 5.70
CA PRO D 58 13.69 -33.82 6.71
C PRO D 58 13.54 -33.09 8.04
N GLU D 59 14.63 -32.51 8.54
CA GLU D 59 14.59 -31.89 9.85
C GLU D 59 13.51 -30.81 9.91
N TYR D 60 13.37 -30.04 8.83
CA TYR D 60 12.39 -28.97 8.83
C TYR D 60 10.98 -29.52 8.98
N TRP D 61 10.66 -30.56 8.22
CA TRP D 61 9.32 -31.15 8.28
C TRP D 61 9.04 -31.80 9.64
N GLU D 62 10.04 -32.49 10.17
CA GLU D 62 9.99 -33.06 11.52
C GLU D 62 9.66 -32.00 12.56
N ARG D 63 10.49 -30.97 12.60
CA ARG D 63 10.35 -29.90 13.57
C ARG D 63 8.99 -29.18 13.45
N GLU D 64 8.52 -28.98 12.22
CA GLU D 64 7.21 -28.37 12.04
C GLU D 64 6.12 -29.34 12.49
N THR D 65 6.30 -30.62 12.18
CA THR D 65 5.32 -31.64 12.54
C THR D 65 5.14 -31.79 14.05
N GLN D 66 6.22 -31.73 14.84
CA GLN D 66 6.07 -31.84 16.29
C GLN D 66 5.40 -30.61 16.87
N LYS D 67 5.75 -29.45 16.33
CA LYS D 67 5.11 -28.20 16.70
C LYS D 67 3.61 -28.24 16.45
N ALA D 68 3.20 -28.77 15.30
CA ALA D 68 1.79 -28.88 14.99
C ALA D 68 1.04 -29.91 15.87
N LYS D 69 1.67 -31.04 16.17
CA LYS D 69 1.05 -32.04 17.05
C LYS D 69 0.87 -31.49 18.46
N GLY D 70 1.83 -30.69 18.91
CA GLY D 70 1.73 -30.01 20.18
C GLY D 70 0.57 -29.03 20.21
N ASN D 71 0.55 -28.14 19.22
CA ASN D 71 -0.54 -27.17 19.06
C ASN D 71 -1.89 -27.84 19.01
N GLU D 72 -1.94 -28.98 18.35
CA GLU D 72 -3.15 -29.78 18.30
C GLU D 72 -3.60 -30.23 19.69
N GLN D 73 -2.70 -30.78 20.49
CA GLN D 73 -3.12 -31.23 21.79
C GLN D 73 -3.47 -30.04 22.68
N SER D 74 -2.72 -28.95 22.49
CA SER D 74 -2.97 -27.69 23.18
C SER D 74 -4.40 -27.19 22.89
N PHE D 75 -4.82 -27.26 21.63
CA PHE D 75 -6.19 -26.90 21.23
C PHE D 75 -7.25 -27.88 21.74
N ARG D 76 -6.91 -29.16 21.81
CA ARG D 76 -7.75 -30.17 22.43
C ARG D 76 -8.10 -29.76 23.87
N VAL D 77 -7.09 -29.48 24.68
CA VAL D 77 -7.27 -28.94 26.03
C VAL D 77 -8.05 -27.61 26.06
N ASP D 78 -7.73 -26.70 25.11
CA ASP D 78 -8.44 -25.42 25.01
C ASP D 78 -9.95 -25.55 24.81
N LEU D 79 -10.36 -26.50 23.98
CA LEU D 79 -11.78 -26.75 23.76
C LEU D 79 -12.50 -27.06 25.06
N ARG D 80 -11.89 -27.87 25.92
CA ARG D 80 -12.48 -28.18 27.21
C ARG D 80 -12.46 -26.98 28.16
N THR D 81 -11.35 -26.25 28.17
CA THR D 81 -11.23 -25.06 28.98
C THR D 81 -12.37 -24.11 28.65
N LEU D 82 -12.58 -23.89 27.35
CA LEU D 82 -13.64 -22.99 26.90
C LEU D 82 -15.06 -23.44 27.27
N LEU D 83 -15.34 -24.75 27.17
CA LEU D 83 -16.63 -25.29 27.63
C LEU D 83 -17.00 -24.75 29.01
N GLY D 84 -16.09 -24.89 29.97
CA GLY D 84 -16.31 -24.39 31.31
C GLY D 84 -16.40 -22.88 31.43
N TYR D 85 -15.61 -22.17 30.63
CA TYR D 85 -15.64 -20.71 30.62
C TYR D 85 -17.05 -20.18 30.29
N TYR D 86 -17.69 -20.83 29.32
CA TYR D 86 -19.05 -20.49 28.90
C TYR D 86 -20.14 -21.42 29.48
N ASN D 87 -19.80 -22.20 30.51
CA ASN D 87 -20.69 -23.22 31.05
C ASN D 87 -21.56 -23.90 29.99
N GLN D 88 -20.91 -24.55 29.03
CA GLN D 88 -21.61 -25.24 27.94
C GLN D 88 -21.55 -26.75 28.16
N SER D 89 -22.52 -27.46 27.58
CA SER D 89 -22.60 -28.92 27.69
C SER D 89 -21.38 -29.56 27.03
N LYS D 90 -21.15 -30.85 27.33
CA LYS D 90 -19.99 -31.52 26.75
C LYS D 90 -20.37 -32.24 25.46
N GLY D 91 -21.64 -32.13 25.07
CA GLY D 91 -22.16 -32.87 23.94
C GLY D 91 -22.27 -32.04 22.68
N GLY D 92 -21.70 -30.84 22.69
CA GLY D 92 -21.79 -29.95 21.56
C GLY D 92 -20.50 -29.87 20.76
N SER D 93 -20.60 -29.58 19.47
CA SER D 93 -19.42 -29.28 18.66
C SER D 93 -19.03 -27.80 18.70
N HIS D 94 -17.75 -27.56 18.98
CA HIS D 94 -17.23 -26.22 19.05
C HIS D 94 -15.96 -26.08 18.23
N THR D 95 -15.70 -24.86 17.81
CA THR D 95 -14.61 -24.57 16.92
C THR D 95 -13.70 -23.56 17.59
N ILE D 96 -12.40 -23.76 17.49
CA ILE D 96 -11.48 -22.67 17.78
C ILE D 96 -10.63 -22.40 16.55
N GLN D 97 -10.43 -21.13 16.24
CA GLN D 97 -9.66 -20.76 15.08
C GLN D 97 -8.60 -19.79 15.51
N VAL D 98 -7.47 -19.80 14.81
CA VAL D 98 -6.43 -18.82 15.05
C VAL D 98 -5.87 -18.36 13.71
N ILE D 99 -5.55 -17.07 13.64
CA ILE D 99 -4.77 -16.49 12.56
C ILE D 99 -3.53 -15.87 13.21
N SER D 100 -2.36 -16.29 12.74
CA SER D 100 -1.12 -15.92 13.38
C SER D 100 -0.05 -15.68 12.33
N GLY D 101 0.69 -14.58 12.47
CA GLY D 101 1.74 -14.25 11.52
C GLY D 101 2.28 -12.84 11.51
N CYS D 102 3.06 -12.59 10.47
CA CYS D 102 3.74 -11.31 10.26
C CYS D 102 3.47 -10.80 8.85
N GLU D 103 3.28 -9.48 8.71
CA GLU D 103 3.34 -8.82 7.40
C GLU D 103 4.53 -7.87 7.40
N VAL D 104 5.40 -8.03 6.42
CA VAL D 104 6.57 -7.17 6.33
C VAL D 104 6.47 -6.22 5.14
N GLY D 105 6.82 -4.96 5.38
CA GLY D 105 6.94 -4.02 4.28
C GLY D 105 8.09 -4.37 3.37
N SER D 106 8.13 -3.75 2.20
CA SER D 106 9.20 -4.00 1.25
C SER D 106 10.59 -3.63 1.75
N ASP D 107 10.66 -2.92 2.89
CA ASP D 107 11.93 -2.59 3.55
C ASP D 107 12.38 -3.63 4.59
N GLY D 108 11.58 -4.69 4.74
CA GLY D 108 11.90 -5.81 5.62
C GLY D 108 11.53 -5.65 7.09
N ARG D 109 10.79 -4.59 7.37
CA ARG D 109 10.40 -4.24 8.71
C ARG D 109 9.01 -4.74 9.01
N LEU D 110 8.75 -5.07 10.26
CA LEU D 110 7.45 -5.60 10.62
C LEU D 110 6.39 -4.52 10.51
N LEU D 111 5.45 -4.74 9.59
CA LEU D 111 4.32 -3.86 9.36
C LEU D 111 3.19 -4.24 10.31
N ARG D 112 3.04 -5.54 10.55
CA ARG D 112 2.01 -5.99 11.47
C ARG D 112 2.20 -7.44 11.93
N GLY D 113 2.05 -7.64 13.23
CA GLY D 113 2.11 -8.97 13.79
C GLY D 113 0.72 -9.29 14.29
N TYR D 114 0.38 -10.57 14.33
CA TYR D 114 -0.91 -10.93 14.88
C TYR D 114 -1.00 -12.36 15.36
N GLN D 115 -1.68 -12.47 16.50
CA GLN D 115 -2.32 -13.68 16.95
C GLN D 115 -3.72 -13.27 17.40
N GLN D 116 -4.70 -13.59 16.56
CA GLN D 116 -6.11 -13.44 16.93
C GLN D 116 -6.79 -14.81 17.04
N TYR D 117 -7.74 -14.92 17.98
CA TYR D 117 -8.49 -16.14 18.22
C TYR D 117 -10.00 -15.94 18.07
N ALA D 118 -10.68 -17.02 17.72
CA ALA D 118 -12.12 -17.01 17.56
C ALA D 118 -12.66 -18.29 18.14
N TYR D 119 -13.79 -18.16 18.85
CA TYR D 119 -14.51 -19.32 19.37
C TYR D 119 -15.91 -19.35 18.78
N ASP D 120 -16.27 -20.45 18.15
CA ASP D 120 -17.56 -20.56 17.45
C ASP D 120 -17.83 -19.35 16.51
N GLY D 121 -16.90 -19.11 15.58
CA GLY D 121 -17.03 -18.03 14.61
C GLY D 121 -17.03 -16.59 15.12
N CYS D 122 -16.74 -16.39 16.41
CA CYS D 122 -16.75 -15.04 16.99
C CYS D 122 -15.43 -14.63 17.64
N ASP D 123 -15.00 -13.39 17.36
CA ASP D 123 -13.78 -12.87 17.94
C ASP D 123 -13.72 -13.19 19.42
N TYR D 124 -12.60 -13.76 19.85
CA TYR D 124 -12.41 -14.15 21.24
C TYR D 124 -11.35 -13.29 21.93
N ILE D 125 -10.11 -13.37 21.44
CA ILE D 125 -9.04 -12.54 21.97
C ILE D 125 -8.04 -12.26 20.85
N ALA D 126 -7.37 -11.11 20.90
CA ALA D 126 -6.35 -10.80 19.90
C ALA D 126 -5.15 -10.05 20.50
N LEU D 127 -3.97 -10.27 19.94
CA LEU D 127 -2.77 -9.52 20.33
C LEU D 127 -2.76 -8.13 19.63
N ASN D 128 -2.55 -7.08 20.42
CA ASN D 128 -2.65 -5.71 19.91
C ASN D 128 -1.46 -5.29 19.05
N GLU D 129 -1.69 -4.32 18.18
CA GLU D 129 -0.66 -3.69 17.37
C GLU D 129 0.71 -3.62 18.06
N ASP D 130 0.70 -3.29 19.36
CA ASP D 130 1.93 -3.09 20.11
C ASP D 130 2.59 -4.40 20.50
N LEU D 131 2.01 -5.51 20.06
CA LEU D 131 2.56 -6.81 20.39
C LEU D 131 2.95 -6.85 21.87
N LYS D 132 2.11 -6.26 22.72
CA LYS D 132 2.39 -6.23 24.15
C LYS D 132 1.15 -6.34 25.03
N THR D 133 0.01 -5.85 24.55
CA THR D 133 -1.24 -5.99 25.29
C THR D 133 -2.36 -6.72 24.53
N TRP D 134 -3.33 -7.25 25.26
CA TRP D 134 -4.42 -7.98 24.61
C TRP D 134 -5.77 -7.25 24.60
N THR D 135 -6.54 -7.50 23.54
CA THR D 135 -7.95 -7.13 23.49
C THR D 135 -8.83 -8.40 23.66
N ALA D 136 -9.63 -8.44 24.72
CA ALA D 136 -10.57 -9.54 24.95
C ALA D 136 -11.95 -9.13 24.42
N ALA D 137 -12.62 -10.01 23.68
CA ALA D 137 -13.89 -9.63 23.05
C ALA D 137 -15.08 -9.85 23.98
N ASP D 138 -14.91 -10.69 25.00
CA ASP D 138 -15.96 -10.90 26.00
C ASP D 138 -15.39 -11.26 27.40
N MET D 139 -16.29 -11.63 28.31
CA MET D 139 -15.91 -11.87 29.70
C MET D 139 -15.09 -13.15 29.83
N ALA D 140 -15.41 -14.11 28.98
CA ALA D 140 -14.65 -15.34 28.89
C ALA D 140 -13.19 -15.02 28.57
N ALA D 141 -12.96 -14.22 27.52
CA ALA D 141 -11.61 -13.88 27.09
C ALA D 141 -10.80 -13.09 28.12
N LEU D 142 -11.46 -12.41 29.05
CA LEU D 142 -10.76 -11.67 30.09
C LEU D 142 -9.91 -12.59 30.95
N ILE D 143 -10.37 -13.83 31.10
CA ILE D 143 -9.69 -14.86 31.88
C ILE D 143 -8.39 -15.26 31.19
N THR D 144 -8.50 -15.68 29.95
CA THR D 144 -7.33 -15.93 29.12
C THR D 144 -6.38 -14.75 29.14
N LYS D 145 -6.90 -13.55 28.88
CA LYS D 145 -6.13 -12.31 28.98
C LYS D 145 -5.32 -12.26 30.27
N HIS D 146 -5.97 -12.55 31.40
CA HIS D 146 -5.30 -12.42 32.68
C HIS D 146 -4.13 -13.40 32.75
N LYS D 147 -4.42 -14.65 32.42
CA LYS D 147 -3.40 -15.68 32.39
C LYS D 147 -2.23 -15.24 31.53
N TRP D 148 -2.52 -14.90 30.28
CA TRP D 148 -1.46 -14.57 29.33
C TRP D 148 -0.59 -13.37 29.76
N GLU D 149 -1.18 -12.37 30.41
CA GLU D 149 -0.38 -11.29 31.03
C GLU D 149 0.45 -11.84 32.19
N GLN D 150 -0.18 -12.68 33.00
CA GLN D 150 0.38 -13.27 34.20
C GLN D 150 1.51 -14.24 33.87
N ALA D 151 1.73 -14.48 32.58
CA ALA D 151 2.68 -15.49 32.16
C ALA D 151 3.47 -15.01 30.98
N GLY D 152 3.43 -13.70 30.76
CA GLY D 152 4.09 -13.09 29.62
C GLY D 152 4.08 -14.01 28.43
N GLU D 153 3.05 -13.90 27.59
CA GLU D 153 3.05 -14.62 26.33
C GLU D 153 3.12 -13.57 25.22
N ALA D 154 2.77 -12.35 25.55
CA ALA D 154 2.86 -11.27 24.59
C ALA D 154 4.33 -10.95 24.37
N GLU D 155 5.18 -11.45 25.28
CA GLU D 155 6.60 -11.26 25.14
C GLU D 155 7.12 -12.30 24.18
N ARG D 156 6.76 -13.55 24.50
CA ARG D 156 7.16 -14.71 23.72
C ARG D 156 6.74 -14.54 22.26
N LEU D 157 5.47 -14.18 22.04
CA LEU D 157 4.93 -14.09 20.69
C LEU D 157 5.52 -12.92 19.89
N ARG D 158 5.91 -11.84 20.57
CA ARG D 158 6.56 -10.73 19.89
C ARG D 158 7.94 -11.16 19.44
N ALA D 159 8.62 -11.95 20.28
CA ALA D 159 9.90 -12.50 19.88
C ALA D 159 9.72 -13.24 18.57
N TYR D 160 8.78 -14.16 18.54
CA TYR D 160 8.46 -14.90 17.33
C TYR D 160 8.07 -14.00 16.14
N LEU D 161 7.13 -13.08 16.35
CA LEU D 161 6.65 -12.22 15.26
C LEU D 161 7.74 -11.32 14.63
N GLU D 162 8.59 -10.74 15.46
CA GLU D 162 9.64 -9.82 15.02
C GLU D 162 10.90 -10.52 14.54
N GLY D 163 11.12 -11.74 15.02
CA GLY D 163 12.31 -12.49 14.69
C GLY D 163 12.06 -13.63 13.72
N THR D 164 11.84 -14.81 14.25
CA THR D 164 11.64 -16.02 13.45
C THR D 164 10.59 -15.92 12.33
N CYS D 165 9.44 -15.36 12.65
CA CYS D 165 8.41 -15.20 11.63
C CYS D 165 8.95 -14.47 10.39
N VAL D 166 9.52 -13.29 10.59
CA VAL D 166 10.05 -12.49 9.47
C VAL D 166 11.26 -13.14 8.80
N GLU D 167 12.08 -13.82 9.60
CA GLU D 167 13.26 -14.49 9.05
C GLU D 167 12.85 -15.63 8.12
N TRP D 168 11.93 -16.47 8.58
CA TRP D 168 11.47 -17.58 7.77
C TRP D 168 10.68 -17.10 6.53
N LEU D 169 9.96 -15.99 6.67
CA LEU D 169 9.24 -15.45 5.51
C LEU D 169 10.24 -15.03 4.42
N ARG D 170 11.46 -14.73 4.83
CA ARG D 170 12.55 -14.36 3.95
C ARG D 170 13.02 -15.60 3.18
N ARG D 171 13.54 -16.57 3.91
CA ARG D 171 13.85 -17.90 3.38
C ARG D 171 12.79 -18.35 2.37
N TYR D 172 11.55 -18.38 2.84
CA TYR D 172 10.41 -18.80 2.05
C TYR D 172 10.25 -18.01 0.75
N LEU D 173 10.46 -16.70 0.80
CA LEU D 173 10.31 -15.86 -0.41
C LEU D 173 11.41 -16.11 -1.43
N LYS D 174 12.63 -16.37 -0.96
CA LYS D 174 13.73 -16.67 -1.88
C LYS D 174 13.28 -17.82 -2.76
N ASN D 175 13.03 -18.95 -2.12
CA ASN D 175 12.66 -20.17 -2.81
C ASN D 175 11.36 -20.09 -3.58
N GLY D 176 10.46 -19.23 -3.11
CA GLY D 176 9.13 -19.17 -3.68
C GLY D 176 8.87 -18.06 -4.67
N ASN D 177 9.63 -16.97 -4.53
CA ASN D 177 9.44 -15.75 -5.31
C ASN D 177 9.13 -16.01 -6.79
N ALA D 178 9.94 -16.86 -7.43
CA ALA D 178 9.82 -17.10 -8.86
C ALA D 178 8.41 -17.58 -9.28
N THR D 179 7.78 -18.37 -8.41
CA THR D 179 6.44 -18.86 -8.70
C THR D 179 5.33 -18.00 -8.09
N LEU D 180 5.55 -17.47 -6.89
CA LEU D 180 4.57 -16.59 -6.23
C LEU D 180 4.16 -15.41 -7.11
N LEU D 181 5.14 -14.82 -7.79
CA LEU D 181 4.95 -13.62 -8.60
C LEU D 181 4.04 -13.83 -9.81
N ARG D 182 3.58 -15.06 -10.00
CA ARG D 182 2.81 -15.40 -11.20
C ARG D 182 1.67 -14.41 -11.47
N THR D 183 1.49 -14.09 -12.74
CA THR D 183 0.35 -13.26 -13.12
C THR D 183 -0.32 -13.74 -14.39
N ASP D 184 -1.61 -14.02 -14.28
CA ASP D 184 -2.42 -14.33 -15.45
C ASP D 184 -3.47 -13.24 -15.62
N SER D 185 -3.34 -12.47 -16.69
CA SER D 185 -4.29 -11.41 -17.04
C SER D 185 -5.66 -11.94 -17.51
N PRO D 186 -6.75 -11.23 -17.13
CA PRO D 186 -8.12 -11.69 -17.45
C PRO D 186 -8.42 -11.57 -18.92
N LYS D 187 -8.82 -12.67 -19.54
CA LYS D 187 -9.32 -12.64 -20.90
C LYS D 187 -10.85 -12.47 -20.88
N ALA D 188 -11.34 -11.37 -21.42
CA ALA D 188 -12.74 -11.00 -21.27
C ALA D 188 -13.59 -11.27 -22.51
N HIS D 189 -14.89 -11.01 -22.39
CA HIS D 189 -15.87 -11.08 -23.48
C HIS D 189 -17.25 -10.83 -22.90
N VAL D 190 -18.20 -10.50 -23.77
CA VAL D 190 -19.53 -10.12 -23.33
C VAL D 190 -20.58 -11.08 -23.91
N THR D 191 -21.60 -11.38 -23.12
CA THR D 191 -22.65 -12.26 -23.63
C THR D 191 -24.01 -11.57 -23.59
N HIS D 192 -24.92 -12.06 -24.41
CA HIS D 192 -26.22 -11.43 -24.65
C HIS D 192 -27.34 -12.43 -24.32
N HIS D 193 -28.29 -12.03 -23.49
CA HIS D 193 -29.39 -12.92 -23.04
C HIS D 193 -30.71 -12.18 -22.96
N SER D 194 -31.76 -12.79 -23.51
CA SER D 194 -33.04 -12.12 -23.72
C SER D 194 -33.85 -11.88 -22.45
N ARG D 195 -34.31 -10.63 -22.28
CA ARG D 195 -35.15 -10.22 -21.13
C ARG D 195 -36.63 -10.30 -21.50
N PRO D 196 -37.52 -10.23 -20.49
CA PRO D 196 -38.91 -10.05 -20.89
C PRO D 196 -39.05 -8.77 -21.72
N GLU D 197 -39.66 -8.89 -22.90
CA GLU D 197 -40.11 -7.71 -23.63
C GLU D 197 -39.00 -6.97 -24.38
N ASP D 198 -38.79 -5.73 -23.99
CA ASP D 198 -37.96 -4.80 -24.73
C ASP D 198 -36.55 -4.68 -24.18
N LYS D 199 -36.17 -5.54 -23.23
CA LYS D 199 -34.85 -5.41 -22.60
C LYS D 199 -33.98 -6.60 -22.90
N VAL D 200 -32.68 -6.45 -22.63
CA VAL D 200 -31.74 -7.57 -22.73
C VAL D 200 -30.66 -7.44 -21.66
N THR D 201 -29.92 -8.53 -21.45
CA THR D 201 -28.86 -8.56 -20.47
C THR D 201 -27.51 -8.65 -21.16
N LEU D 202 -26.59 -7.80 -20.73
CA LEU D 202 -25.22 -7.84 -21.20
C LEU D 202 -24.42 -8.25 -20.00
N ARG D 203 -23.68 -9.34 -20.15
CA ARG D 203 -22.90 -9.90 -19.07
C ARG D 203 -21.43 -9.84 -19.43
N CYS D 204 -20.67 -9.04 -18.71
CA CYS D 204 -19.25 -8.97 -18.98
C CYS D 204 -18.49 -10.05 -18.20
N TRP D 205 -17.74 -10.89 -18.91
CA TRP D 205 -17.03 -11.99 -18.25
C TRP D 205 -15.53 -11.74 -18.15
N ALA D 206 -14.98 -12.00 -16.97
CA ALA D 206 -13.54 -12.07 -16.80
C ALA D 206 -13.19 -13.51 -16.46
N LEU D 207 -12.35 -14.14 -17.30
CA LEU D 207 -11.92 -15.54 -17.14
C LEU D 207 -10.39 -15.75 -17.11
N GLY D 208 -9.95 -16.69 -16.28
CA GLY D 208 -8.55 -17.11 -16.25
C GLY D 208 -7.55 -16.10 -15.69
N PHE D 209 -7.99 -15.29 -14.72
CA PHE D 209 -7.11 -14.29 -14.12
C PHE D 209 -6.53 -14.64 -12.73
N TYR D 210 -5.43 -13.98 -12.37
CA TYR D 210 -4.75 -14.17 -11.08
C TYR D 210 -3.69 -13.09 -10.82
N PRO D 211 -3.66 -12.56 -9.58
CA PRO D 211 -4.49 -12.85 -8.40
C PRO D 211 -5.99 -12.63 -8.60
N ALA D 212 -6.77 -13.16 -7.65
CA ALA D 212 -8.23 -13.06 -7.68
C ALA D 212 -8.69 -11.62 -7.78
N ASP D 213 -7.85 -10.71 -7.30
CA ASP D 213 -8.23 -9.31 -7.32
C ASP D 213 -8.57 -8.82 -8.72
N ILE D 214 -9.74 -8.23 -8.85
CA ILE D 214 -10.22 -7.72 -10.12
C ILE D 214 -11.34 -6.73 -9.87
N THR D 215 -11.50 -5.80 -10.79
CA THR D 215 -12.62 -4.90 -10.69
C THR D 215 -13.27 -4.78 -12.07
N LEU D 216 -14.57 -5.05 -12.15
CA LEU D 216 -15.31 -4.94 -13.40
C LEU D 216 -16.40 -3.86 -13.36
N THR D 217 -16.58 -3.17 -14.48
CA THR D 217 -17.51 -2.06 -14.55
C THR D 217 -18.31 -1.95 -15.86
N TRP D 218 -19.39 -1.17 -15.81
CA TRP D 218 -20.22 -0.92 -16.97
C TRP D 218 -20.44 0.56 -17.16
N GLN D 219 -20.10 1.06 -18.35
CA GLN D 219 -20.29 2.47 -18.65
C GLN D 219 -21.35 2.70 -19.71
N LEU D 220 -22.29 3.59 -19.39
CA LEU D 220 -23.23 4.14 -20.35
C LEU D 220 -22.92 5.61 -20.48
N ASN D 221 -22.83 6.10 -21.71
CA ASN D 221 -22.35 7.45 -21.88
C ASN D 221 -20.90 7.34 -21.41
N GLY D 222 -20.59 8.08 -20.35
CA GLY D 222 -19.26 8.07 -19.76
C GLY D 222 -19.24 7.64 -18.31
N GLU D 223 -20.38 7.74 -17.62
CA GLU D 223 -20.47 7.38 -16.21
C GLU D 223 -20.62 5.88 -15.95
N GLU D 224 -20.32 5.45 -14.72
CA GLU D 224 -20.36 4.03 -14.36
C GLU D 224 -21.69 3.58 -13.76
N LEU D 225 -22.27 2.52 -14.34
CA LEU D 225 -23.51 1.98 -13.82
C LEU D 225 -23.24 1.21 -12.53
N ILE D 226 -23.82 1.70 -11.42
CA ILE D 226 -23.66 1.06 -10.12
C ILE D 226 -24.93 0.36 -9.68
N GLN D 227 -25.96 1.13 -9.36
CA GLN D 227 -27.26 0.53 -9.06
C GLN D 227 -27.79 -0.12 -10.34
N ASP D 228 -28.42 -1.28 -10.19
CA ASP D 228 -28.95 -2.06 -11.30
C ASP D 228 -27.93 -3.02 -11.94
N MET D 229 -26.64 -2.78 -11.72
CA MET D 229 -25.62 -3.70 -12.20
C MET D 229 -25.41 -4.91 -11.24
N GLU D 230 -25.48 -6.11 -11.79
CA GLU D 230 -25.35 -7.35 -11.02
C GLU D 230 -23.93 -7.91 -11.12
N LEU D 231 -23.35 -8.29 -10.01
CA LEU D 231 -22.08 -9.02 -10.06
C LEU D 231 -22.07 -10.19 -9.10
N VAL D 232 -21.34 -11.23 -9.49
CA VAL D 232 -21.09 -12.35 -8.60
C VAL D 232 -19.73 -12.18 -7.90
N GLU D 233 -19.58 -12.79 -6.73
CA GLU D 233 -18.31 -12.78 -6.07
C GLU D 233 -17.30 -13.50 -6.95
N THR D 234 -16.08 -13.01 -6.96
CA THR D 234 -15.01 -13.65 -7.70
C THR D 234 -14.99 -15.12 -7.27
N ARG D 235 -14.69 -16.02 -8.20
CA ARG D 235 -14.80 -17.44 -7.90
C ARG D 235 -13.69 -18.24 -8.57
N PRO D 236 -13.20 -19.29 -7.87
CA PRO D 236 -12.11 -20.12 -8.36
C PRO D 236 -12.61 -20.97 -9.51
N ALA D 237 -11.84 -21.00 -10.59
CA ALA D 237 -12.17 -21.85 -11.72
C ALA D 237 -11.89 -23.28 -11.30
N GLY D 238 -10.97 -23.42 -10.34
CA GLY D 238 -10.57 -24.73 -9.86
C GLY D 238 -9.23 -25.16 -10.40
N ASP D 239 -8.67 -24.36 -11.31
CA ASP D 239 -7.37 -24.68 -11.90
C ASP D 239 -6.28 -23.71 -11.48
N GLY D 240 -6.56 -22.89 -10.48
CA GLY D 240 -5.64 -21.86 -10.07
C GLY D 240 -6.08 -20.47 -10.47
N THR D 241 -6.75 -20.34 -11.60
CA THR D 241 -7.22 -19.03 -12.04
C THR D 241 -8.60 -18.69 -11.47
N PHE D 242 -9.05 -17.45 -11.63
CA PHE D 242 -10.35 -17.01 -11.13
C PHE D 242 -11.34 -16.56 -12.21
N GLN D 243 -12.57 -16.28 -11.77
CA GLN D 243 -13.69 -15.92 -12.65
C GLN D 243 -14.53 -14.81 -12.01
N LYS D 244 -15.00 -13.86 -12.82
CA LYS D 244 -15.95 -12.87 -12.33
C LYS D 244 -16.82 -12.37 -13.49
N TRP D 245 -18.08 -12.06 -13.21
CA TRP D 245 -18.85 -11.37 -14.22
C TRP D 245 -19.64 -10.20 -13.64
N ALA D 246 -20.14 -9.38 -14.56
CA ALA D 246 -20.87 -8.15 -14.25
C ALA D 246 -21.90 -7.95 -15.35
N SER D 247 -23.14 -7.72 -14.97
CA SER D 247 -24.20 -7.63 -15.97
C SER D 247 -25.11 -6.44 -15.72
N VAL D 248 -25.67 -5.90 -16.80
CA VAL D 248 -26.57 -4.77 -16.73
C VAL D 248 -27.72 -5.04 -17.66
N VAL D 249 -28.93 -4.70 -17.25
CA VAL D 249 -30.04 -4.82 -18.17
C VAL D 249 -30.07 -3.53 -18.98
N VAL D 250 -30.18 -3.67 -20.31
CA VAL D 250 -30.26 -2.53 -21.22
C VAL D 250 -31.39 -2.67 -22.21
N PRO D 251 -31.75 -1.57 -22.90
CA PRO D 251 -32.84 -1.55 -23.90
C PRO D 251 -32.49 -2.23 -25.21
N LEU D 252 -33.42 -3.00 -25.74
CA LEU D 252 -33.18 -3.71 -26.99
C LEU D 252 -32.78 -2.70 -28.05
N GLY D 253 -31.74 -3.05 -28.82
CA GLY D 253 -31.25 -2.18 -29.89
C GLY D 253 -30.24 -1.13 -29.44
N LYS D 254 -30.08 -0.97 -28.13
CA LYS D 254 -29.09 -0.05 -27.56
C LYS D 254 -27.85 -0.76 -27.00
N GLU D 255 -27.54 -1.95 -27.52
CA GLU D 255 -26.45 -2.71 -26.95
C GLU D 255 -25.13 -2.01 -27.19
N GLN D 256 -25.04 -1.32 -28.32
CA GLN D 256 -23.80 -0.66 -28.67
C GLN D 256 -23.46 0.60 -27.87
N TYR D 257 -24.35 1.01 -26.97
CA TYR D 257 -24.14 2.19 -26.15
C TYR D 257 -23.46 1.89 -24.79
N TYR D 258 -23.13 0.62 -24.57
CA TYR D 258 -22.66 0.18 -23.27
C TYR D 258 -21.25 -0.37 -23.34
N THR D 259 -20.40 0.08 -22.43
CA THR D 259 -19.02 -0.36 -22.42
C THR D 259 -18.66 -1.06 -21.11
N CYS D 260 -18.04 -2.22 -21.23
CA CYS D 260 -17.57 -2.89 -20.04
C CYS D 260 -16.09 -2.61 -19.85
N HIS D 261 -15.69 -2.35 -18.62
CA HIS D 261 -14.28 -2.13 -18.31
C HIS D 261 -13.75 -3.15 -17.32
N VAL D 262 -12.52 -3.56 -17.58
CA VAL D 262 -11.86 -4.57 -16.77
C VAL D 262 -10.51 -4.07 -16.23
N TYR D 263 -10.44 -3.89 -14.92
CA TYR D 263 -9.21 -3.45 -14.26
C TYR D 263 -8.55 -4.57 -13.47
N HIS D 264 -7.41 -5.05 -13.95
CA HIS D 264 -6.63 -6.05 -13.23
C HIS D 264 -5.25 -5.46 -12.95
N GLN D 265 -4.53 -6.01 -11.98
CA GLN D 265 -3.18 -5.58 -11.72
C GLN D 265 -2.27 -6.10 -12.83
N GLY D 266 -2.66 -7.23 -13.43
CA GLY D 266 -1.95 -7.78 -14.57
C GLY D 266 -2.27 -7.08 -15.89
N LEU D 267 -3.06 -6.02 -15.85
CA LEU D 267 -3.32 -5.24 -17.06
C LEU D 267 -2.52 -3.93 -17.14
N PRO D 268 -1.75 -3.77 -18.22
CA PRO D 268 -1.07 -2.50 -18.51
C PRO D 268 -2.13 -1.40 -18.56
N GLU D 269 -3.02 -1.51 -19.54
CA GLU D 269 -4.19 -0.64 -19.66
C GLU D 269 -5.46 -1.47 -19.48
N PRO D 270 -6.44 -0.93 -18.74
CA PRO D 270 -7.62 -1.74 -18.48
C PRO D 270 -8.32 -2.17 -19.77
N LEU D 271 -9.00 -3.31 -19.73
CA LEU D 271 -9.75 -3.81 -20.89
C LEU D 271 -10.99 -2.95 -21.11
N THR D 272 -11.28 -2.69 -22.38
CA THR D 272 -12.52 -2.03 -22.80
C THR D 272 -13.19 -2.90 -23.85
N LEU D 273 -14.47 -3.21 -23.66
CA LEU D 273 -15.12 -4.08 -24.63
C LEU D 273 -16.61 -3.85 -24.71
N ARG D 274 -17.21 -4.41 -25.76
CA ARG D 274 -18.64 -4.29 -25.97
C ARG D 274 -19.23 -5.54 -26.58
N TRP D 275 -20.56 -5.63 -26.55
CA TRP D 275 -21.26 -6.75 -27.16
C TRP D 275 -20.93 -6.85 -28.64
N GLU D 276 -20.53 -8.03 -29.08
CA GLU D 276 -20.28 -8.28 -30.50
C GLU D 276 -21.06 -9.50 -30.98
N PRO D 277 -22.05 -9.26 -31.84
CA PRO D 277 -22.79 -10.41 -32.37
C PRO D 277 -21.99 -11.09 -33.48
N PRO D 278 -21.98 -12.43 -33.50
CA PRO D 278 -21.31 -13.20 -34.55
C PRO D 278 -21.56 -12.62 -35.95
N ILE E 1 -23.28 -18.87 17.41
CA ILE E 1 -23.53 -17.96 16.28
C ILE E 1 -23.17 -18.63 14.95
N GLN E 2 -24.14 -18.68 14.05
CA GLN E 2 -24.01 -19.44 12.82
C GLN E 2 -24.03 -18.56 11.58
N LYS E 3 -23.51 -19.09 10.49
CA LYS E 3 -23.48 -18.35 9.23
C LYS E 3 -23.98 -19.17 8.04
N THR E 4 -25.02 -18.67 7.38
CA THR E 4 -25.64 -19.28 6.20
C THR E 4 -24.70 -19.36 5.00
N PRO E 5 -24.53 -20.55 4.43
CA PRO E 5 -23.64 -20.67 3.27
C PRO E 5 -24.13 -19.91 2.02
N GLN E 6 -23.18 -19.48 1.21
CA GLN E 6 -23.50 -18.89 -0.05
C GLN E 6 -23.00 -19.86 -1.10
N ILE E 7 -23.80 -20.05 -2.15
CA ILE E 7 -23.49 -21.03 -3.18
C ILE E 7 -23.39 -20.43 -4.57
N GLN E 8 -22.41 -20.92 -5.32
CA GLN E 8 -22.31 -20.62 -6.73
C GLN E 8 -22.09 -21.93 -7.45
N VAL E 9 -22.85 -22.15 -8.52
CA VAL E 9 -22.67 -23.33 -9.34
C VAL E 9 -22.39 -22.87 -10.76
N TYR E 10 -21.25 -23.31 -11.30
CA TYR E 10 -20.75 -22.76 -12.55
C TYR E 10 -19.71 -23.68 -13.15
N SER E 11 -19.53 -23.60 -14.46
CA SER E 11 -18.54 -24.42 -15.15
C SER E 11 -17.18 -23.72 -15.17
N ARG E 12 -16.12 -24.51 -15.17
CA ARG E 12 -14.76 -23.96 -15.17
C ARG E 12 -14.47 -23.31 -16.52
N HIS E 13 -14.95 -23.93 -17.58
CA HIS E 13 -14.85 -23.38 -18.91
C HIS E 13 -16.22 -23.08 -19.48
N PRO E 14 -16.30 -22.11 -20.39
CA PRO E 14 -17.58 -21.79 -21.02
C PRO E 14 -18.19 -23.09 -21.56
N PRO E 15 -19.46 -23.35 -21.21
CA PRO E 15 -20.10 -24.63 -21.54
C PRO E 15 -20.47 -24.74 -23.02
N GLU E 16 -20.14 -25.86 -23.63
CA GLU E 16 -20.68 -26.17 -24.95
C GLU E 16 -21.09 -27.62 -25.01
N ASN E 17 -22.22 -27.86 -25.65
CA ASN E 17 -22.80 -29.18 -25.66
C ASN E 17 -21.90 -30.22 -26.30
N GLY E 18 -21.71 -31.34 -25.62
CA GLY E 18 -20.89 -32.43 -26.10
C GLY E 18 -19.42 -32.33 -25.78
N LYS E 19 -19.00 -31.24 -25.13
CA LYS E 19 -17.60 -31.04 -24.78
C LYS E 19 -17.37 -31.18 -23.27
N PRO E 20 -16.52 -32.14 -22.89
CA PRO E 20 -16.24 -32.39 -21.47
C PRO E 20 -15.79 -31.11 -20.78
N ASN E 21 -16.31 -30.90 -19.58
CA ASN E 21 -16.01 -29.70 -18.80
C ASN E 21 -15.96 -30.11 -17.32
N ILE E 22 -15.81 -29.14 -16.44
CA ILE E 22 -15.88 -29.37 -15.02
C ILE E 22 -16.96 -28.46 -14.46
N LEU E 23 -17.76 -28.99 -13.55
CA LEU E 23 -18.79 -28.21 -12.92
C LEU E 23 -18.39 -27.91 -11.48
N ASN E 24 -18.48 -26.63 -11.10
CA ASN E 24 -18.08 -26.16 -9.78
C ASN E 24 -19.25 -25.82 -8.86
N CYS E 25 -19.15 -26.29 -7.63
CA CYS E 25 -20.02 -25.82 -6.57
C CYS E 25 -19.17 -25.18 -5.47
N TYR E 26 -19.13 -23.85 -5.49
CA TYR E 26 -18.35 -23.02 -4.59
C TYR E 26 -19.19 -22.58 -3.41
N VAL E 27 -18.77 -22.94 -2.19
CA VAL E 27 -19.52 -22.59 -0.99
C VAL E 27 -18.67 -21.81 0.01
N THR E 28 -19.23 -20.73 0.53
CA THR E 28 -18.50 -19.75 1.29
C THR E 28 -19.35 -19.16 2.40
N GLN E 29 -18.71 -18.37 3.26
CA GLN E 29 -19.38 -17.61 4.32
C GLN E 29 -20.13 -18.44 5.35
N PHE E 30 -19.79 -19.72 5.49
CA PHE E 30 -20.52 -20.55 6.45
C PHE E 30 -19.76 -20.86 7.74
N HIS E 31 -20.52 -21.05 8.82
CA HIS E 31 -20.03 -21.42 10.13
C HIS E 31 -21.21 -22.01 10.88
N PRO E 32 -21.00 -23.16 11.56
CA PRO E 32 -19.77 -23.94 11.78
C PRO E 32 -19.23 -24.67 10.54
N PRO E 33 -17.99 -25.19 10.62
CA PRO E 33 -17.33 -25.84 9.47
C PRO E 33 -18.01 -27.10 8.92
N HIS E 34 -18.80 -27.82 9.71
CA HIS E 34 -19.41 -29.02 9.16
C HIS E 34 -20.50 -28.69 8.15
N ILE E 35 -20.46 -29.38 7.02
CA ILE E 35 -21.35 -29.09 5.91
C ILE E 35 -21.41 -30.30 4.99
N GLU E 36 -22.55 -30.49 4.34
CA GLU E 36 -22.72 -31.61 3.43
C GLU E 36 -23.14 -31.10 2.07
N ILE E 37 -22.34 -31.45 1.07
CA ILE E 37 -22.53 -30.92 -0.25
C ILE E 37 -22.66 -32.03 -1.25
N GLN E 38 -23.69 -31.98 -2.08
CA GLN E 38 -23.80 -32.92 -3.17
C GLN E 38 -24.17 -32.21 -4.45
N MET E 39 -23.80 -32.84 -5.56
CA MET E 39 -24.20 -32.33 -6.85
C MET E 39 -25.15 -33.34 -7.47
N LEU E 40 -26.15 -32.83 -8.19
CA LEU E 40 -27.21 -33.67 -8.72
C LEU E 40 -27.36 -33.53 -10.21
N LYS E 41 -27.41 -34.65 -10.93
CA LYS E 41 -27.71 -34.65 -12.34
C LYS E 41 -29.14 -35.17 -12.59
N ASN E 42 -30.00 -34.27 -13.09
CA ASN E 42 -31.42 -34.57 -13.33
C ASN E 42 -32.13 -35.12 -12.10
N GLY E 43 -31.86 -34.51 -10.94
CA GLY E 43 -32.48 -34.91 -9.69
C GLY E 43 -31.81 -36.09 -9.02
N LYS E 44 -30.83 -36.70 -9.68
CA LYS E 44 -30.13 -37.88 -9.17
C LYS E 44 -28.75 -37.49 -8.62
N LYS E 45 -28.37 -38.02 -7.46
CA LYS E 45 -27.07 -37.69 -6.90
C LYS E 45 -25.94 -38.16 -7.80
N ILE E 46 -24.93 -37.30 -7.95
CA ILE E 46 -23.68 -37.61 -8.62
C ILE E 46 -22.66 -38.20 -7.63
N PRO E 47 -22.34 -39.50 -7.76
CA PRO E 47 -21.40 -40.17 -6.84
C PRO E 47 -19.97 -39.61 -6.82
N LYS E 48 -19.38 -39.25 -7.96
CA LYS E 48 -17.98 -38.81 -7.95
C LYS E 48 -17.76 -37.29 -7.83
N VAL E 49 -17.94 -36.75 -6.63
CA VAL E 49 -17.85 -35.32 -6.40
C VAL E 49 -16.64 -35.00 -5.56
N GLU E 50 -15.58 -34.52 -6.20
CA GLU E 50 -14.34 -34.21 -5.50
C GLU E 50 -14.44 -32.95 -4.65
N MET E 51 -13.86 -33.02 -3.45
CA MET E 51 -13.93 -31.91 -2.51
C MET E 51 -12.56 -31.29 -2.24
N SER E 52 -12.48 -29.97 -2.34
CA SER E 52 -11.26 -29.28 -1.94
C SER E 52 -11.07 -29.46 -0.43
N ASP E 53 -9.85 -29.30 0.05
CA ASP E 53 -9.63 -29.17 1.47
C ASP E 53 -10.35 -27.92 1.92
N MET E 54 -10.86 -27.92 3.14
CA MET E 54 -11.55 -26.73 3.59
C MET E 54 -10.56 -25.70 4.15
N SER E 55 -10.97 -24.44 4.12
CA SER E 55 -10.18 -23.32 4.55
C SER E 55 -11.14 -22.29 5.09
N PHE E 56 -10.61 -21.31 5.82
CA PHE E 56 -11.42 -20.18 6.25
C PHE E 56 -10.70 -18.86 5.94
N SER E 57 -11.43 -17.75 5.97
CA SER E 57 -10.86 -16.45 5.66
C SER E 57 -10.92 -15.50 6.86
N LYS E 58 -10.42 -14.27 6.70
CA LYS E 58 -10.24 -13.30 7.80
C LYS E 58 -11.44 -13.11 8.72
N ASP E 59 -12.65 -13.17 8.17
CA ASP E 59 -13.84 -13.04 9.01
C ASP E 59 -14.25 -14.37 9.67
N TRP E 60 -13.40 -15.38 9.55
CA TRP E 60 -13.60 -16.67 10.21
C TRP E 60 -14.55 -17.67 9.48
N SER E 61 -15.33 -17.19 8.53
CA SER E 61 -16.16 -18.09 7.75
C SER E 61 -15.32 -19.06 6.90
N PHE E 62 -15.81 -20.29 6.78
CA PHE E 62 -15.13 -21.30 6.00
C PHE E 62 -15.64 -21.31 4.55
N TYR E 63 -14.84 -21.89 3.68
CA TYR E 63 -15.22 -22.00 2.29
C TYR E 63 -14.60 -23.25 1.69
N ILE E 64 -15.23 -23.77 0.65
CA ILE E 64 -14.79 -25.02 0.05
C ILE E 64 -15.23 -25.08 -1.40
N LEU E 65 -14.44 -25.76 -2.22
CA LEU E 65 -14.76 -25.96 -3.62
C LEU E 65 -15.12 -27.42 -3.96
N ALA E 66 -16.40 -27.70 -4.19
CA ALA E 66 -16.83 -29.01 -4.70
C ALA E 66 -16.84 -29.00 -6.23
N HIS E 67 -16.48 -30.10 -6.88
CA HIS E 67 -16.48 -30.15 -8.33
C HIS E 67 -16.60 -31.56 -8.88
N THR E 68 -17.16 -31.67 -10.07
CA THR E 68 -17.35 -32.96 -10.72
C THR E 68 -17.10 -32.81 -12.21
N GLU E 69 -16.68 -33.89 -12.86
CA GLU E 69 -16.50 -33.84 -14.31
C GLU E 69 -17.86 -33.99 -14.97
N PHE E 70 -18.15 -33.18 -15.99
CA PHE E 70 -19.41 -33.34 -16.72
C PHE E 70 -19.32 -33.01 -18.18
N THR E 71 -20.32 -33.50 -18.91
CA THR E 71 -20.46 -33.21 -20.33
C THR E 71 -21.83 -32.58 -20.60
N PRO E 72 -21.87 -31.24 -20.62
CA PRO E 72 -23.14 -30.51 -20.74
C PRO E 72 -23.87 -30.81 -22.05
N THR E 73 -25.17 -30.99 -21.96
CA THR E 73 -26.01 -31.15 -23.14
C THR E 73 -27.05 -30.05 -23.04
N GLU E 74 -27.82 -29.86 -24.10
CA GLU E 74 -28.87 -28.83 -24.07
C GLU E 74 -29.94 -29.08 -23.00
N THR E 75 -30.22 -30.33 -22.66
CA THR E 75 -31.35 -30.58 -21.76
C THR E 75 -31.03 -31.05 -20.34
N ASP E 76 -29.80 -31.51 -20.09
CA ASP E 76 -29.44 -32.02 -18.75
C ASP E 76 -29.41 -30.89 -17.71
N THR E 77 -30.06 -31.13 -16.59
CA THR E 77 -30.14 -30.17 -15.49
C THR E 77 -29.12 -30.58 -14.44
N TYR E 78 -28.39 -29.60 -13.89
CA TYR E 78 -27.45 -29.86 -12.81
C TYR E 78 -27.70 -28.88 -11.69
N ALA E 79 -27.44 -29.30 -10.47
CA ALA E 79 -27.62 -28.44 -9.30
C ALA E 79 -26.69 -28.90 -8.20
N CYS E 80 -26.65 -28.14 -7.11
CA CYS E 80 -25.81 -28.43 -5.97
C CYS E 80 -26.64 -28.23 -4.75
N ARG E 81 -26.60 -29.24 -3.87
CA ARG E 81 -27.41 -29.24 -2.67
C ARG E 81 -26.49 -29.17 -1.47
N VAL E 82 -26.82 -28.25 -0.57
CA VAL E 82 -26.02 -28.01 0.60
C VAL E 82 -26.92 -28.07 1.82
N LYS E 83 -26.58 -28.88 2.80
CA LYS E 83 -27.23 -28.73 4.08
C LYS E 83 -26.22 -28.37 5.15
N HIS E 84 -26.66 -27.54 6.07
CA HIS E 84 -25.78 -26.96 7.05
C HIS E 84 -26.66 -26.58 8.25
N ASP E 85 -26.08 -26.63 9.44
CA ASP E 85 -26.85 -26.38 10.65
C ASP E 85 -27.58 -25.04 10.60
N SER E 86 -27.11 -24.16 9.72
CA SER E 86 -27.59 -22.78 9.67
C SER E 86 -28.96 -22.65 9.01
N MET E 87 -29.33 -23.64 8.19
CA MET E 87 -30.60 -23.60 7.48
C MET E 87 -31.56 -24.73 7.85
N ALA E 88 -32.85 -24.38 7.99
CA ALA E 88 -33.91 -25.35 8.25
C ALA E 88 -33.78 -26.60 7.38
N GLU E 89 -33.77 -26.42 6.07
CA GLU E 89 -33.59 -27.55 5.16
C GLU E 89 -32.51 -27.30 4.11
N PRO E 90 -32.09 -28.36 3.41
CA PRO E 90 -31.06 -28.21 2.37
C PRO E 90 -31.42 -27.17 1.32
N LYS E 91 -30.50 -26.27 1.01
CA LYS E 91 -30.66 -25.35 -0.11
C LYS E 91 -30.11 -25.96 -1.39
N THR E 92 -30.91 -25.91 -2.45
CA THR E 92 -30.50 -26.42 -3.73
C THR E 92 -30.41 -25.27 -4.73
N VAL E 93 -29.25 -25.14 -5.35
CA VAL E 93 -29.02 -24.10 -6.34
C VAL E 93 -28.72 -24.70 -7.70
N TYR E 94 -29.61 -24.42 -8.65
CA TYR E 94 -29.50 -24.98 -9.99
C TYR E 94 -28.43 -24.29 -10.84
N TRP E 95 -27.72 -25.08 -11.63
CA TRP E 95 -26.78 -24.57 -12.61
C TRP E 95 -27.48 -23.79 -13.72
N ASP E 96 -27.00 -22.58 -13.97
CA ASP E 96 -27.49 -21.75 -15.06
C ASP E 96 -26.31 -21.51 -15.97
N ARG E 97 -26.33 -22.09 -17.16
CA ARG E 97 -25.19 -21.97 -18.07
C ARG E 97 -24.85 -20.52 -18.52
N ASP E 98 -25.79 -19.60 -18.37
CA ASP E 98 -25.51 -18.19 -18.66
C ASP E 98 -24.82 -17.48 -17.47
N MET E 99 -24.79 -18.12 -16.32
CA MET E 99 -24.24 -17.46 -15.13
C MET E 99 -22.98 -18.12 -14.54
N TYR F 1 -2.32 15.39 -17.88
CA TYR F 1 -1.75 16.73 -17.98
C TYR F 1 -2.38 17.70 -16.95
N THR F 2 -2.16 19.00 -17.13
CA THR F 2 -2.60 19.97 -16.13
C THR F 2 -4.03 20.49 -16.37
N VAL F 3 -4.67 20.93 -15.28
CA VAL F 3 -5.98 21.57 -15.36
C VAL F 3 -5.88 23.10 -15.16
N LYS F 4 -6.92 23.79 -15.60
CA LYS F 4 -7.06 25.22 -15.44
C LYS F 4 -7.65 25.56 -14.06
N PHE F 5 -7.03 26.49 -13.35
CA PHE F 5 -7.52 26.85 -12.03
C PHE F 5 -8.50 28.01 -12.13
N PRO F 6 -9.63 27.88 -11.42
CA PRO F 6 -10.68 28.90 -11.32
C PRO F 6 -10.15 30.17 -10.67
N ASN F 7 -10.53 31.33 -11.19
CA ASN F 7 -10.17 32.57 -10.52
C ASN F 7 -10.73 32.57 -9.09
N MET F 8 -9.86 32.87 -8.13
CA MET F 8 -10.26 32.89 -6.73
C MET F 8 -11.08 34.13 -6.47
C ACE G . 11.13 16.43 1.57
O ACE G . 10.68 16.53 0.42
CH3 ACE G . 11.33 17.59 2.50
C ACE H . -11.97 -15.11 1.05
O ACE H . -13.15 -15.13 0.73
CH3 ACE H . -11.03 -16.27 0.83
#